data_6ET3
#
_entry.id   6ET3
#
_cell.length_a   205.184
_cell.length_b   63.775
_cell.length_c   119.131
_cell.angle_alpha   90.000
_cell.angle_beta   120.780
_cell.angle_gamma   90.000
#
_symmetry.space_group_name_H-M   'C 1 2 1'
#
loop_
_entity.id
_entity.type
_entity.pdbx_description
1 polymer PqsC
2 polymer PqsB
3 non-polymer 'SULFATE ION'
4 non-polymer (R,R)-2,3-BUTANEDIOL
5 water water
#
loop_
_entity_poly.entity_id
_entity_poly.type
_entity_poly.pdbx_seq_one_letter_code
_entity_poly.pdbx_strand_id
1 'polypeptide(L)'
;GPHMHKVKLAAITCELPARSYENDDPVFAAVPDLSESWWQFWGVNRRGYFDPRNGENEFSLVVRAAERLLRSSDTAPDSV
DMLICSASSPIMTDAGDVLPDLRGRLYPRMANVLSKQLGLSRALPLDSQMESASFLLNLRLAASMIRQGKAEKVLVVCSE
YISNLLDFTSRTSTLFADGCAVALLTRGDDDSCDLLASAEHSDATFYEVATGRWRLPENPTGEAKPRLYFSLFSDGQNKM
ASFVPTNVPIAMRRALEKAGLGSDDIDYFVFHQPAPFLVKAWAEGIGARPEQYQLTMGDTGVMISVSIPYTLMTGLREGK
IRPGDRIVMAGAATGWGFAAQVWQLGEVLVC
;
A,C
2 'polypeptide(L)'
;MLIQAVGVNLPPSYVCLEGPLGGERPRAQGDEMLMQRLLPAVREALDEAAVKPEEIDLIVGLALSPDHLIENRDIMAPKI
GHPLQKVLGANRAHVFDLTDSSLARALYVVDTLASDQGYRNVLVVRGESSQGLEVDSESGFALADGALALLCRPTGKAAF
RRGALGGDPAQEWLPLSIPLNTDIRQVGDVKGHLNLPAQPGLPEAVRAGFTRLAGDFPQLNWVREEWFGQGRPDGRCLGP
FELASQLRAAQRDRLDELLLISFDPFGMVVEGVTLELAGEAHA
;
B,D
#
loop_
_chem_comp.id
_chem_comp.type
_chem_comp.name
_chem_comp.formula
BU3 non-polymer (R,R)-2,3-BUTANEDIOL 'C4 H10 O2'
SO4 non-polymer 'SULFATE ION' 'O4 S -2'
#
# COMPACT_ATOMS: atom_id res chain seq x y z
N MET A 4 -17.27 22.08 -31.09
CA MET A 4 -18.52 22.58 -31.74
C MET A 4 -19.42 23.26 -30.70
N HIS A 5 -19.53 22.66 -29.51
CA HIS A 5 -20.30 23.23 -28.41
C HIS A 5 -19.49 23.14 -27.12
N LYS A 6 -19.80 24.03 -26.18
CA LYS A 6 -19.16 24.03 -24.88
C LYS A 6 -20.04 23.30 -23.87
N VAL A 7 -19.39 22.65 -22.91
CA VAL A 7 -20.06 21.80 -21.93
C VAL A 7 -20.11 22.53 -20.59
N LYS A 8 -21.31 22.76 -20.09
CA LYS A 8 -21.51 23.44 -18.82
C LYS A 8 -21.91 22.45 -17.75
N LEU A 9 -21.17 22.42 -16.65
CA LEU A 9 -21.58 21.69 -15.45
C LEU A 9 -22.53 22.60 -14.67
N ALA A 10 -23.83 22.37 -14.83
CA ALA A 10 -24.83 23.34 -14.39
C ALA A 10 -25.15 23.19 -12.90
N ALA A 11 -25.31 21.96 -12.42
CA ALA A 11 -25.73 21.75 -11.05
C ALA A 11 -25.24 20.39 -10.56
N ILE A 12 -25.19 20.23 -9.24
CA ILE A 12 -24.74 19.00 -8.62
C ILE A 12 -25.35 18.91 -7.23
N THR A 13 -25.61 17.69 -6.78
CA THR A 13 -26.10 17.45 -5.42
C THR A 13 -25.72 16.05 -5.01
N CYS A 14 -25.78 15.81 -3.70
CA CYS A 14 -25.45 14.51 -3.13
C CYS A 14 -26.49 14.15 -2.08
N GLU A 15 -26.56 12.87 -1.76
CA GLU A 15 -27.46 12.36 -0.73
C GLU A 15 -26.75 11.27 0.04
N LEU A 16 -26.48 11.50 1.32
CA LEU A 16 -25.79 10.55 2.17
C LEU A 16 -26.77 9.85 3.09
N PRO A 17 -26.40 8.68 3.61
CA PRO A 17 -27.28 7.98 4.56
C PRO A 17 -27.49 8.77 5.84
N ALA A 18 -28.68 8.61 6.42
CA ALA A 18 -29.05 9.38 7.60
C ALA A 18 -28.27 8.97 8.84
N ARG A 19 -27.84 7.71 8.89
CA ARG A 19 -27.17 7.17 10.07
C ARG A 19 -25.67 7.08 9.82
N SER A 20 -24.89 7.63 10.74
CA SER A 20 -23.44 7.57 10.68
C SER A 20 -22.92 6.63 11.78
N TYR A 21 -21.73 6.09 11.55
CA TYR A 21 -21.12 5.13 12.45
C TYR A 21 -19.72 5.58 12.80
N GLU A 22 -19.42 5.59 14.11
CA GLU A 22 -18.10 5.97 14.58
C GLU A 22 -17.14 4.79 14.45
N ASN A 23 -15.84 5.08 14.57
CA ASN A 23 -14.83 4.04 14.46
C ASN A 23 -14.94 3.03 15.59
N ASP A 24 -15.50 3.42 16.74
CA ASP A 24 -15.69 2.52 17.87
C ASP A 24 -17.12 1.98 17.95
N ASP A 25 -17.87 2.03 16.85
CA ASP A 25 -19.23 1.55 16.85
C ASP A 25 -19.26 0.04 17.02
N PRO A 26 -20.26 -0.50 17.72
CA PRO A 26 -20.32 -1.96 17.93
C PRO A 26 -20.29 -2.77 16.66
N VAL A 27 -20.62 -2.17 15.50
CA VAL A 27 -20.63 -2.92 14.25
C VAL A 27 -19.25 -3.46 13.89
N PHE A 28 -18.19 -2.87 14.46
CA PHE A 28 -16.82 -3.30 14.20
C PHE A 28 -16.26 -4.19 15.30
N ALA A 29 -17.12 -4.78 16.13
CA ALA A 29 -16.63 -5.56 17.26
C ALA A 29 -15.80 -6.74 16.82
N ALA A 30 -16.11 -7.33 15.67
CA ALA A 30 -15.41 -8.51 15.18
C ALA A 30 -14.19 -8.20 14.34
N VAL A 31 -13.86 -6.92 14.15
CA VAL A 31 -12.71 -6.53 13.33
C VAL A 31 -11.45 -6.65 14.17
N PRO A 32 -10.47 -7.46 13.79
CA PRO A 32 -9.24 -7.58 14.57
C PRO A 32 -8.14 -6.64 14.09
N ASP A 33 -7.21 -6.36 15.01
CA ASP A 33 -5.98 -5.64 14.72
C ASP A 33 -6.24 -4.18 14.35
N LEU A 34 -7.26 -3.55 14.94
CA LEU A 34 -7.48 -2.13 14.76
C LEU A 34 -6.60 -1.34 15.71
N SER A 35 -6.04 -0.24 15.22
CA SER A 35 -5.12 0.58 15.99
C SER A 35 -5.35 2.05 15.68
N GLU A 36 -4.79 2.91 16.53
CA GLU A 36 -4.88 4.35 16.29
C GLU A 36 -4.18 4.72 14.98
N SER A 37 -3.07 4.05 14.68
CA SER A 37 -2.37 4.31 13.42
C SER A 37 -3.22 3.93 12.22
N TRP A 38 -4.08 2.91 12.37
CA TRP A 38 -4.94 2.50 11.27
C TRP A 38 -5.89 3.62 10.87
N TRP A 39 -6.52 4.27 11.85
CA TRP A 39 -7.45 5.35 11.55
C TRP A 39 -6.72 6.54 10.94
N GLN A 40 -5.54 6.88 11.46
CA GLN A 40 -4.76 7.97 10.88
C GLN A 40 -4.33 7.63 9.46
N PHE A 41 -3.99 6.36 9.21
CA PHE A 41 -3.49 5.96 7.91
C PHE A 41 -4.54 6.19 6.82
N TRP A 42 -5.78 5.78 7.10
CA TRP A 42 -6.86 5.89 6.12
C TRP A 42 -7.64 7.19 6.24
N GLY A 43 -7.53 7.89 7.37
CA GLY A 43 -8.15 9.19 7.51
C GLY A 43 -9.64 9.18 7.72
N VAL A 44 -10.24 8.03 8.01
CA VAL A 44 -11.68 7.93 8.22
C VAL A 44 -11.98 8.03 9.71
N ASN A 45 -12.94 8.88 10.06
CA ASN A 45 -13.41 9.03 11.43
C ASN A 45 -14.84 8.53 11.62
N ARG A 46 -15.71 8.77 10.64
CA ARG A 46 -17.08 8.27 10.68
C ARG A 46 -17.54 7.99 9.25
N ARG A 47 -18.62 7.23 9.14
CA ARG A 47 -19.07 6.71 7.86
C ARG A 47 -20.58 6.46 7.94
N GLY A 48 -21.20 6.41 6.77
CA GLY A 48 -22.64 6.20 6.67
C GLY A 48 -22.97 4.91 5.93
N TYR A 49 -23.98 4.20 6.42
CA TYR A 49 -24.50 3.00 5.78
C TYR A 49 -25.98 3.18 5.53
N PHE A 50 -26.43 2.84 4.32
CA PHE A 50 -27.86 2.84 4.02
C PHE A 50 -28.59 1.87 4.95
N ASP A 51 -29.76 2.28 5.42
CA ASP A 51 -30.65 1.44 6.21
C ASP A 51 -31.86 1.07 5.37
N PRO A 52 -31.84 -0.06 4.66
CA PRO A 52 -32.99 -0.40 3.80
C PRO A 52 -34.29 -0.55 4.56
N ARG A 53 -34.24 -0.88 5.85
CA ARG A 53 -35.47 -1.00 6.63
C ARG A 53 -36.23 0.32 6.70
N ASN A 54 -35.52 1.44 6.57
CA ASN A 54 -36.13 2.77 6.55
C ASN A 54 -36.29 3.31 5.14
N GLY A 55 -36.12 2.48 4.12
CA GLY A 55 -36.32 2.92 2.75
C GLY A 55 -35.10 3.47 2.07
N GLU A 56 -33.92 3.39 2.68
CA GLU A 56 -32.69 3.88 2.07
C GLU A 56 -32.04 2.77 1.26
N ASN A 57 -31.77 3.07 -0.01
CA ASN A 57 -31.06 2.14 -0.89
C ASN A 57 -30.48 2.96 -2.04
N GLU A 58 -29.86 2.26 -2.99
CA GLU A 58 -29.19 2.94 -4.10
C GLU A 58 -30.18 3.68 -5.00
N PHE A 59 -31.45 3.31 -4.96
CA PHE A 59 -32.46 3.89 -5.85
C PHE A 59 -33.28 5.00 -5.17
N SER A 60 -33.81 4.71 -3.97
CA SER A 60 -34.69 5.68 -3.32
C SER A 60 -34.01 7.02 -3.09
N LEU A 61 -32.73 7.01 -2.70
CA LEU A 61 -32.05 8.27 -2.44
C LEU A 61 -31.64 8.99 -3.72
N VAL A 62 -31.41 8.26 -4.81
CA VAL A 62 -31.15 8.91 -6.08
C VAL A 62 -32.40 9.63 -6.58
N VAL A 63 -33.56 9.00 -6.42
CA VAL A 63 -34.82 9.66 -6.79
C VAL A 63 -34.98 10.97 -6.04
N ARG A 64 -34.73 10.94 -4.72
CA ARG A 64 -34.81 12.16 -3.93
C ARG A 64 -33.85 13.22 -4.45
N ALA A 65 -32.59 12.83 -4.69
CA ALA A 65 -31.60 13.79 -5.15
C ALA A 65 -31.91 14.28 -6.55
N ALA A 66 -32.31 13.37 -7.45
CA ALA A 66 -32.61 13.76 -8.82
C ALA A 66 -33.82 14.69 -8.86
N GLU A 67 -34.88 14.34 -8.13
CA GLU A 67 -36.07 15.21 -8.10
C GLU A 67 -35.76 16.56 -7.49
N ARG A 68 -34.89 16.59 -6.47
CA ARG A 68 -34.52 17.86 -5.86
C ARG A 68 -33.70 18.72 -6.82
N LEU A 69 -32.80 18.09 -7.58
CA LEU A 69 -31.96 18.86 -8.50
C LEU A 69 -32.78 19.40 -9.67
N LEU A 70 -33.63 18.56 -10.26
CA LEU A 70 -34.49 19.03 -11.35
C LEU A 70 -35.37 20.18 -10.89
N ARG A 71 -35.93 20.08 -9.69
CA ARG A 71 -36.79 21.15 -9.18
C ARG A 71 -36.00 22.43 -8.94
N SER A 72 -34.80 22.30 -8.36
CA SER A 72 -34.01 23.49 -8.01
C SER A 72 -33.43 24.14 -9.26
N SER A 73 -33.04 23.35 -10.25
CA SER A 73 -32.47 23.88 -11.50
C SER A 73 -33.54 24.24 -12.52
N ASP A 74 -34.82 24.11 -12.18
CA ASP A 74 -35.91 24.43 -13.10
C ASP A 74 -35.70 23.72 -14.44
N THR A 75 -35.51 22.40 -14.37
CA THR A 75 -35.31 21.56 -15.54
C THR A 75 -36.54 20.67 -15.72
N ALA A 76 -37.22 20.84 -16.85
CA ALA A 76 -38.36 19.98 -17.15
C ALA A 76 -37.87 18.55 -17.41
N PRO A 77 -38.55 17.53 -16.85
CA PRO A 77 -38.07 16.15 -17.09
C PRO A 77 -37.97 15.80 -18.55
N ASP A 78 -38.91 16.25 -19.39
CA ASP A 78 -38.88 15.89 -20.80
C ASP A 78 -37.76 16.58 -21.57
N SER A 79 -37.05 17.53 -20.95
CA SER A 79 -35.95 18.21 -21.61
C SER A 79 -34.62 17.49 -21.42
N VAL A 80 -34.59 16.43 -20.63
CA VAL A 80 -33.36 15.66 -20.42
C VAL A 80 -33.18 14.72 -21.60
N ASP A 81 -32.05 14.81 -22.27
CA ASP A 81 -31.79 14.01 -23.46
C ASP A 81 -31.10 12.69 -23.17
N MET A 82 -30.42 12.58 -22.02
CA MET A 82 -29.63 11.40 -21.72
C MET A 82 -29.48 11.27 -20.21
N LEU A 83 -29.51 10.02 -19.73
CA LEU A 83 -29.33 9.72 -18.31
C LEU A 83 -28.26 8.64 -18.20
N ILE A 84 -27.13 8.98 -17.58
CA ILE A 84 -26.01 8.06 -17.42
C ILE A 84 -25.87 7.75 -15.93
N CYS A 85 -25.95 6.48 -15.57
CA CYS A 85 -25.88 6.03 -14.20
C CYS A 85 -24.71 5.07 -14.01
N SER A 86 -24.16 5.08 -12.80
CA SER A 86 -23.11 4.15 -12.42
C SER A 86 -23.35 3.67 -10.99
N ALA A 87 -23.00 2.41 -10.75
CA ALA A 87 -23.17 1.80 -9.42
C ALA A 87 -22.17 0.66 -9.29
N SER A 88 -21.24 0.78 -8.35
CA SER A 88 -20.15 -0.20 -8.26
C SER A 88 -20.66 -1.57 -7.82
N SER A 89 -21.77 -1.63 -7.10
CA SER A 89 -22.30 -2.91 -6.63
C SER A 89 -23.01 -3.64 -7.77
N PRO A 90 -22.68 -4.89 -8.05
CA PRO A 90 -23.40 -5.63 -9.10
C PRO A 90 -24.85 -5.93 -8.74
N ILE A 91 -25.25 -5.68 -7.48
CA ILE A 91 -26.59 -5.94 -6.99
C ILE A 91 -27.32 -4.62 -6.81
N MET A 92 -28.51 -4.53 -7.37
CA MET A 92 -29.44 -3.44 -7.07
C MET A 92 -30.65 -4.03 -6.37
N THR A 93 -31.38 -3.19 -5.63
CA THR A 93 -32.35 -3.69 -4.67
C THR A 93 -33.73 -3.07 -4.76
N ASP A 94 -33.92 -1.99 -5.52
CA ASP A 94 -35.20 -1.29 -5.54
CA ASP A 94 -35.20 -1.31 -5.54
C ASP A 94 -35.42 -0.70 -6.93
N ALA A 95 -36.66 -0.79 -7.41
CA ALA A 95 -37.04 -0.25 -8.72
C ALA A 95 -38.24 0.70 -8.60
N GLY A 96 -38.53 1.19 -7.41
CA GLY A 96 -39.59 2.17 -7.25
C GLY A 96 -40.92 1.63 -7.73
N ASP A 97 -41.68 2.52 -8.39
CA ASP A 97 -42.99 2.16 -8.92
C ASP A 97 -42.93 1.52 -10.30
N VAL A 98 -41.77 1.54 -10.95
CA VAL A 98 -41.64 0.97 -12.30
C VAL A 98 -41.77 -0.55 -12.24
N LEU A 99 -40.97 -1.18 -11.38
CA LEU A 99 -41.01 -2.64 -11.17
C LEU A 99 -41.19 -2.86 -9.68
N PRO A 100 -42.41 -2.66 -9.17
CA PRO A 100 -42.59 -2.63 -7.70
C PRO A 100 -42.35 -3.98 -7.03
N ASP A 101 -42.49 -5.09 -7.73
CA ASP A 101 -42.35 -6.41 -7.12
C ASP A 101 -40.94 -6.96 -7.18
N LEU A 102 -40.01 -6.25 -7.82
CA LEU A 102 -38.65 -6.75 -8.01
C LEU A 102 -37.77 -6.26 -6.87
N ARG A 103 -37.02 -7.19 -6.27
CA ARG A 103 -36.15 -6.86 -5.14
C ARG A 103 -34.70 -7.00 -5.55
N GLY A 104 -33.93 -7.83 -4.84
CA GLY A 104 -32.54 -8.08 -5.21
C GLY A 104 -32.43 -8.56 -6.65
N ARG A 105 -31.62 -7.88 -7.45
CA ARG A 105 -31.52 -8.20 -8.86
C ARG A 105 -30.10 -7.91 -9.36
N LEU A 106 -29.68 -8.67 -10.35
CA LEU A 106 -28.45 -8.38 -11.08
C LEU A 106 -28.72 -7.44 -12.25
N TYR A 107 -29.86 -7.60 -12.90
CA TYR A 107 -30.28 -6.75 -13.99
C TYR A 107 -31.79 -6.60 -13.94
N PRO A 108 -32.34 -5.50 -14.47
CA PRO A 108 -31.59 -4.40 -15.12
C PRO A 108 -30.82 -3.53 -14.14
N ARG A 109 -30.05 -2.59 -14.69
CA ARG A 109 -29.36 -1.59 -13.88
C ARG A 109 -30.34 -0.47 -13.56
N MET A 110 -29.85 0.76 -13.44
CA MET A 110 -30.66 1.86 -12.91
C MET A 110 -31.25 2.78 -13.97
N ALA A 111 -30.54 3.02 -15.07
CA ALA A 111 -30.90 4.11 -15.97
C ALA A 111 -32.32 3.97 -16.52
N ASN A 112 -32.65 2.80 -17.07
CA ASN A 112 -33.97 2.63 -17.67
CA ASN A 112 -33.98 2.60 -17.67
C ASN A 112 -35.08 2.80 -16.63
N VAL A 113 -34.91 2.18 -15.46
CA VAL A 113 -35.93 2.29 -14.41
C VAL A 113 -36.00 3.71 -13.88
N LEU A 114 -34.84 4.35 -13.67
CA LEU A 114 -34.82 5.67 -13.07
C LEU A 114 -35.46 6.71 -13.99
N SER A 115 -35.22 6.61 -15.30
CA SER A 115 -35.80 7.58 -16.22
C SER A 115 -37.33 7.52 -16.20
N LYS A 116 -37.89 6.33 -16.06
CA LYS A 116 -39.35 6.20 -16.01
C LYS A 116 -39.89 6.71 -14.68
N GLN A 117 -39.16 6.51 -13.59
CA GLN A 117 -39.61 7.01 -12.30
C GLN A 117 -39.65 8.53 -12.28
N LEU A 118 -38.68 9.17 -12.93
CA LEU A 118 -38.59 10.62 -12.95
C LEU A 118 -39.33 11.26 -14.11
N GLY A 119 -39.85 10.46 -15.04
CA GLY A 119 -40.56 11.02 -16.18
C GLY A 119 -39.67 11.58 -17.27
N LEU A 120 -38.45 11.06 -17.42
CA LEU A 120 -37.53 11.51 -18.46
C LEU A 120 -37.91 10.77 -19.75
N SER A 121 -39.00 11.23 -20.36
CA SER A 121 -39.60 10.53 -21.49
C SER A 121 -38.73 10.59 -22.74
N ARG A 122 -37.84 11.57 -22.84
CA ARG A 122 -37.00 11.73 -24.04
C ARG A 122 -35.55 11.38 -23.79
N ALA A 123 -35.22 10.87 -22.60
CA ALA A 123 -33.84 10.64 -22.21
C ALA A 123 -33.37 9.25 -22.65
N LEU A 124 -32.20 9.20 -23.29
CA LEU A 124 -31.55 7.94 -23.61
C LEU A 124 -30.90 7.37 -22.35
N PRO A 125 -31.27 6.17 -21.91
CA PRO A 125 -30.66 5.63 -20.69
C PRO A 125 -29.37 4.84 -20.96
N LEU A 126 -28.40 5.03 -20.07
CA LEU A 126 -27.12 4.36 -20.18
C LEU A 126 -26.59 4.07 -18.78
N ASP A 127 -26.01 2.87 -18.61
CA ASP A 127 -25.45 2.44 -17.34
C ASP A 127 -24.00 2.03 -17.57
N SER A 128 -23.07 2.79 -17.01
CA SER A 128 -21.65 2.57 -17.19
C SER A 128 -21.02 2.07 -15.90
N GLN A 129 -19.84 1.47 -16.03
CA GLN A 129 -19.09 0.95 -14.90
C GLN A 129 -17.61 1.25 -15.12
N MET A 130 -17.03 2.13 -14.30
CA MET A 130 -15.60 2.31 -14.28
C MET A 130 -15.07 2.47 -12.86
N GLU A 131 -15.70 1.80 -11.90
CA GLU A 131 -15.25 1.77 -10.49
C GLU A 131 -15.17 3.22 -9.97
N SER A 132 -14.13 3.57 -9.22
CA SER A 132 -14.04 4.89 -8.60
CA SER A 132 -14.05 4.88 -8.61
C SER A 132 -13.93 6.01 -9.63
N ALA A 133 -13.62 5.70 -10.88
CA ALA A 133 -13.54 6.70 -11.94
C ALA A 133 -14.86 6.89 -12.69
N SER A 134 -15.94 6.25 -12.22
CA SER A 134 -17.18 6.26 -12.97
C SER A 134 -17.74 7.67 -13.15
N PHE A 135 -17.58 8.53 -12.14
CA PHE A 135 -18.09 9.89 -12.27
C PHE A 135 -17.35 10.65 -13.37
N LEU A 136 -16.04 10.45 -13.46
CA LEU A 136 -15.28 11.10 -14.52
C LEU A 136 -15.65 10.56 -15.89
N LEU A 137 -15.85 9.24 -15.99
CA LEU A 137 -16.27 8.64 -17.25
C LEU A 137 -17.62 9.22 -17.69
N ASN A 138 -18.57 9.33 -16.77
CA ASN A 138 -19.90 9.82 -17.13
C ASN A 138 -19.87 11.27 -17.57
N LEU A 139 -19.06 12.11 -16.90
CA LEU A 139 -18.91 13.49 -17.33
C LEU A 139 -18.30 13.57 -18.72
N ARG A 140 -17.38 12.66 -19.03
CA ARG A 140 -16.74 12.69 -20.35
C ARG A 140 -17.71 12.23 -21.43
N LEU A 141 -18.45 11.15 -21.18
CA LEU A 141 -19.48 10.73 -22.11
C LEU A 141 -20.48 11.86 -22.37
N ALA A 142 -20.96 12.49 -21.29
CA ALA A 142 -21.88 13.62 -21.45
C ALA A 142 -21.24 14.74 -22.25
N ALA A 143 -19.97 15.04 -21.95
CA ALA A 143 -19.29 16.13 -22.64
C ALA A 143 -19.21 15.86 -24.14
N SER A 144 -18.88 14.63 -24.53
CA SER A 144 -18.79 14.31 -25.95
C SER A 144 -20.15 14.43 -26.63
N MET A 145 -21.21 13.92 -25.98
CA MET A 145 -22.55 14.04 -26.55
C MET A 145 -22.95 15.50 -26.72
N ILE A 146 -22.66 16.32 -25.71
CA ILE A 146 -22.99 17.74 -25.79
C ILE A 146 -22.10 18.43 -26.81
N ARG A 147 -20.81 18.10 -26.81
CA ARG A 147 -19.88 18.76 -27.72
C ARG A 147 -20.31 18.57 -29.17
N GLN A 148 -20.65 17.34 -29.55
CA GLN A 148 -20.99 17.01 -30.93
C GLN A 148 -22.45 17.31 -31.26
N GLY A 149 -23.16 18.06 -30.41
CA GLY A 149 -24.52 18.47 -30.72
C GLY A 149 -25.56 17.38 -30.65
N LYS A 150 -25.24 16.24 -30.03
CA LYS A 150 -26.16 15.12 -29.94
C LYS A 150 -27.00 15.14 -28.67
N ALA A 151 -26.79 16.11 -27.80
CA ALA A 151 -27.56 16.23 -26.57
C ALA A 151 -27.42 17.65 -26.04
N GLU A 152 -28.49 18.14 -25.41
CA GLU A 152 -28.48 19.45 -24.78
C GLU A 152 -28.47 19.40 -23.26
N LYS A 153 -29.08 18.37 -22.67
CA LYS A 153 -29.09 18.20 -21.22
C LYS A 153 -28.82 16.73 -20.91
N VAL A 154 -27.82 16.48 -20.06
CA VAL A 154 -27.44 15.13 -19.67
C VAL A 154 -27.43 15.06 -18.15
N LEU A 155 -28.14 14.08 -17.61
CA LEU A 155 -28.20 13.85 -16.17
C LEU A 155 -27.26 12.68 -15.82
N VAL A 156 -26.36 12.93 -14.86
CA VAL A 156 -25.35 11.95 -14.46
C VAL A 156 -25.63 11.51 -13.02
N VAL A 157 -25.51 10.21 -12.76
CA VAL A 157 -25.80 9.64 -11.45
C VAL A 157 -24.69 8.66 -11.07
N CYS A 158 -24.23 8.75 -9.82
CA CYS A 158 -23.38 7.75 -9.19
C CYS A 158 -24.02 7.36 -7.87
N SER A 159 -24.20 6.06 -7.64
CA SER A 159 -24.88 5.57 -6.43
C SER A 159 -24.14 4.36 -5.87
N GLU A 160 -23.65 4.49 -4.65
CA GLU A 160 -22.87 3.43 -3.99
C GLU A 160 -23.68 2.86 -2.83
N TYR A 161 -24.12 1.62 -2.98
CA TYR A 161 -24.77 0.85 -1.91
C TYR A 161 -23.93 -0.40 -1.63
N ILE A 162 -22.71 -0.20 -1.13
CA ILE A 162 -21.79 -1.31 -0.90
C ILE A 162 -21.85 -1.88 0.51
N SER A 163 -22.49 -1.20 1.47
CA SER A 163 -22.46 -1.67 2.85
C SER A 163 -23.08 -3.05 3.01
N ASN A 164 -24.03 -3.41 2.16
CA ASN A 164 -24.65 -4.73 2.23
C ASN A 164 -23.75 -5.84 1.69
N LEU A 165 -22.55 -5.51 1.21
CA LEU A 165 -21.60 -6.50 0.72
C LEU A 165 -20.35 -6.57 1.58
N LEU A 166 -20.22 -5.72 2.59
CA LEU A 166 -19.01 -5.67 3.40
C LEU A 166 -18.96 -6.83 4.38
N ASP A 167 -17.76 -7.38 4.56
CA ASP A 167 -17.49 -8.42 5.56
C ASP A 167 -16.99 -7.73 6.82
N PHE A 168 -17.87 -7.59 7.82
CA PHE A 168 -17.55 -6.86 9.04
C PHE A 168 -16.69 -7.66 10.01
N THR A 169 -16.14 -8.79 9.58
CA THR A 169 -15.05 -9.46 10.30
C THR A 169 -13.69 -9.10 9.74
N SER A 170 -13.63 -8.20 8.75
CA SER A 170 -12.40 -7.80 8.12
C SER A 170 -12.21 -6.29 8.27
N ARG A 171 -10.94 -5.86 8.29
CA ARG A 171 -10.65 -4.44 8.43
C ARG A 171 -11.10 -3.64 7.21
N THR A 172 -11.28 -4.28 6.05
CA THR A 172 -11.70 -3.54 4.87
C THR A 172 -13.09 -2.94 5.06
N SER A 173 -13.91 -3.53 5.94
CA SER A 173 -15.25 -3.01 6.15
C SER A 173 -15.25 -1.65 6.82
N THR A 174 -14.13 -1.20 7.36
CA THR A 174 -14.04 0.07 8.06
C THR A 174 -13.70 1.22 7.13
N LEU A 175 -13.50 0.95 5.84
CA LEU A 175 -13.00 1.95 4.90
C LEU A 175 -14.06 2.50 3.96
N PHE A 176 -15.00 1.68 3.49
CA PHE A 176 -15.94 2.07 2.46
C PHE A 176 -17.30 2.36 3.04
N ALA A 177 -18.07 3.18 2.33
CA ALA A 177 -19.37 3.63 2.81
C ALA A 177 -20.30 3.88 1.63
N ASP A 178 -21.55 4.19 1.96
CA ASP A 178 -22.60 4.40 0.98
C ASP A 178 -22.81 5.89 0.71
N GLY A 179 -23.40 6.18 -0.44
CA GLY A 179 -23.69 7.54 -0.83
C GLY A 179 -24.09 7.59 -2.28
N CYS A 180 -24.58 8.75 -2.70
CA CYS A 180 -25.02 8.99 -4.07
CA CYS A 180 -24.90 8.96 -4.09
C CYS A 180 -24.74 10.43 -4.44
N ALA A 181 -24.62 10.68 -5.74
CA ALA A 181 -24.41 12.01 -6.28
C ALA A 181 -25.15 12.13 -7.60
N VAL A 182 -25.72 13.32 -7.86
CA VAL A 182 -26.42 13.61 -9.09
C VAL A 182 -25.94 14.95 -9.61
N ALA A 183 -25.66 15.03 -10.92
CA ALA A 183 -25.18 16.25 -11.53
C ALA A 183 -25.84 16.43 -12.90
N LEU A 184 -25.98 17.69 -13.31
CA LEU A 184 -26.61 18.05 -14.56
C LEU A 184 -25.62 18.81 -15.42
N LEU A 185 -25.43 18.35 -16.65
CA LEU A 185 -24.59 19.02 -17.62
C LEU A 185 -25.46 19.50 -18.78
N THR A 186 -25.18 20.71 -19.27
CA THR A 186 -25.97 21.32 -20.32
C THR A 186 -25.05 21.97 -21.35
N ARG A 187 -25.64 22.32 -22.49
CA ARG A 187 -24.95 23.10 -23.49
C ARG A 187 -24.69 24.51 -22.95
N GLY A 188 -23.47 25.01 -23.14
CA GLY A 188 -23.09 26.31 -22.60
C GLY A 188 -22.32 27.17 -23.58
N ASP A 189 -22.88 27.36 -24.77
CA ASP A 189 -22.21 28.14 -25.80
C ASP A 189 -22.05 29.61 -25.40
N ASP A 190 -23.06 30.18 -24.76
CA ASP A 190 -23.01 31.59 -24.39
C ASP A 190 -22.25 31.82 -23.09
N ASP A 191 -22.18 30.81 -22.22
CA ASP A 191 -21.55 30.96 -20.93
C ASP A 191 -20.06 30.65 -21.02
N SER A 192 -19.37 30.83 -19.89
CA SER A 192 -17.93 30.63 -19.81
C SER A 192 -17.54 29.20 -19.49
N CYS A 193 -18.41 28.42 -18.86
CA CYS A 193 -18.05 27.08 -18.44
C CYS A 193 -17.82 26.18 -19.64
N ASP A 194 -16.80 25.32 -19.54
CA ASP A 194 -16.49 24.35 -20.58
C ASP A 194 -15.50 23.34 -20.03
N LEU A 195 -15.46 22.17 -20.66
CA LEU A 195 -14.44 21.17 -20.36
C LEU A 195 -13.23 21.45 -21.24
N LEU A 196 -12.12 21.82 -20.62
CA LEU A 196 -10.93 22.23 -21.38
C LEU A 196 -10.17 21.03 -21.93
N ALA A 197 -10.03 19.97 -21.15
CA ALA A 197 -9.30 18.79 -21.62
C ALA A 197 -9.45 17.67 -20.59
N SER A 198 -9.08 16.46 -21.01
CA SER A 198 -9.08 15.30 -20.16
C SER A 198 -7.97 14.37 -20.62
N ALA A 199 -7.57 13.45 -19.75
CA ALA A 199 -6.52 12.51 -20.10
C ALA A 199 -6.64 11.26 -19.25
N GLU A 200 -6.18 10.13 -19.80
CA GLU A 200 -6.14 8.86 -19.10
C GLU A 200 -4.80 8.20 -19.35
N HIS A 201 -4.28 7.50 -18.33
CA HIS A 201 -2.98 6.87 -18.41
C HIS A 201 -3.06 5.47 -17.82
N SER A 202 -2.16 4.60 -18.27
CA SER A 202 -2.05 3.23 -17.79
C SER A 202 -0.59 2.91 -17.60
N ASP A 203 -0.31 2.02 -16.66
CA ASP A 203 1.04 1.54 -16.41
C ASP A 203 1.05 0.06 -16.07
N ALA A 241 -5.24 -2.28 -6.23
CA ALA A 241 -4.16 -3.08 -6.78
C ALA A 241 -2.94 -2.22 -7.09
N SER A 242 -3.18 -0.99 -7.54
CA SER A 242 -2.12 -0.06 -7.93
C SER A 242 -2.18 1.16 -7.01
N PHE A 243 -1.11 1.35 -6.23
CA PHE A 243 -1.00 2.45 -5.28
C PHE A 243 0.08 3.44 -5.68
N VAL A 244 0.77 3.22 -6.80
CA VAL A 244 1.88 4.05 -7.24
C VAL A 244 1.43 5.50 -7.31
N PRO A 245 2.08 6.41 -6.58
CA PRO A 245 1.61 7.81 -6.54
C PRO A 245 1.76 8.57 -7.85
N THR A 246 2.58 8.08 -8.79
CA THR A 246 2.89 8.84 -9.99
C THR A 246 1.86 8.68 -11.10
N ASN A 247 1.07 7.59 -11.11
CA ASN A 247 0.23 7.32 -12.25
C ASN A 247 -0.87 8.35 -12.43
N VAL A 248 -1.39 8.91 -11.34
CA VAL A 248 -2.43 9.94 -11.44
C VAL A 248 -1.80 11.26 -11.89
N PRO A 249 -0.67 11.70 -11.30
CA PRO A 249 0.01 12.90 -11.82
C PRO A 249 0.34 12.83 -13.31
N ILE A 250 0.70 11.66 -13.83
CA ILE A 250 0.95 11.55 -15.26
C ILE A 250 -0.30 11.92 -16.05
N ALA A 251 -1.45 11.38 -15.66
CA ALA A 251 -2.70 11.71 -16.33
C ALA A 251 -2.98 13.21 -16.20
N MET A 252 -2.82 13.76 -15.00
CA MET A 252 -2.99 15.19 -14.80
C MET A 252 -2.06 15.98 -15.72
N ARG A 253 -0.82 15.52 -15.85
CA ARG A 253 0.16 16.24 -16.68
C ARG A 253 -0.28 16.25 -18.14
N ARG A 254 -0.74 15.11 -18.65
CA ARG A 254 -1.18 15.04 -20.04
C ARG A 254 -2.39 15.94 -20.27
N ALA A 255 -3.34 15.96 -19.33
CA ALA A 255 -4.52 16.80 -19.49
C ALA A 255 -4.12 18.27 -19.56
N LEU A 256 -3.27 18.72 -18.65
CA LEU A 256 -2.79 20.10 -18.69
C LEU A 256 -2.04 20.37 -19.99
N GLU A 257 -1.23 19.40 -20.44
CA GLU A 257 -0.52 19.57 -21.70
C GLU A 257 -1.49 19.68 -22.87
N LYS A 258 -2.53 18.85 -22.89
CA LYS A 258 -3.50 18.94 -23.97
C LYS A 258 -4.24 20.28 -23.95
N ALA A 259 -4.49 20.81 -22.77
CA ALA A 259 -5.14 22.11 -22.65
C ALA A 259 -4.16 23.27 -22.79
N GLY A 260 -2.86 22.98 -22.87
CA GLY A 260 -1.86 24.04 -22.97
C GLY A 260 -1.69 24.85 -21.71
N LEU A 261 -1.86 24.23 -20.53
CA LEU A 261 -1.78 24.93 -19.26
C LEU A 261 -0.78 24.23 -18.36
N GLY A 262 -0.43 24.92 -17.26
CA GLY A 262 0.41 24.37 -16.23
C GLY A 262 -0.34 24.36 -14.90
N SER A 263 0.27 23.69 -13.92
CA SER A 263 -0.34 23.58 -12.61
C SER A 263 -0.61 24.95 -12.00
N ASP A 264 0.26 25.92 -12.25
CA ASP A 264 0.07 27.25 -11.70
C ASP A 264 -1.21 27.90 -12.23
N ASP A 265 -1.63 27.53 -13.44
CA ASP A 265 -2.85 28.07 -14.01
C ASP A 265 -4.12 27.51 -13.40
N ILE A 266 -4.01 26.45 -12.61
CA ILE A 266 -5.17 25.81 -12.00
C ILE A 266 -5.44 26.44 -10.65
N ASP A 267 -6.72 26.71 -10.37
CA ASP A 267 -7.12 27.35 -9.13
C ASP A 267 -7.37 26.36 -7.99
N TYR A 268 -7.98 25.20 -8.29
CA TYR A 268 -8.32 24.25 -7.23
C TYR A 268 -8.28 22.84 -7.82
N PHE A 269 -8.13 21.86 -6.92
CA PHE A 269 -8.03 20.45 -7.31
C PHE A 269 -9.05 19.63 -6.54
N VAL A 270 -9.56 18.59 -7.20
CA VAL A 270 -10.51 17.66 -6.61
C VAL A 270 -10.01 16.25 -6.90
N PHE A 271 -9.69 15.51 -5.86
CA PHE A 271 -9.15 14.17 -5.98
C PHE A 271 -10.13 13.14 -5.45
N HIS A 272 -9.98 11.90 -5.92
CA HIS A 272 -10.56 10.77 -5.22
C HIS A 272 -9.96 10.71 -3.81
N GLN A 273 -10.64 10.00 -2.91
CA GLN A 273 -10.34 10.05 -1.48
C GLN A 273 -9.96 8.68 -0.93
N PRO A 274 -8.94 8.03 -1.49
CA PRO A 274 -8.56 6.70 -0.98
C PRO A 274 -7.86 6.74 0.37
N ALA A 275 -6.98 7.72 0.57
CA ALA A 275 -6.26 7.86 1.84
C ALA A 275 -5.54 9.20 1.83
N PRO A 276 -5.37 9.85 3.00
CA PRO A 276 -4.74 11.18 2.99
C PRO A 276 -3.36 11.21 2.34
N PHE A 277 -2.52 10.20 2.59
CA PHE A 277 -1.15 10.25 2.08
C PHE A 277 -1.10 10.07 0.57
N LEU A 278 -2.04 9.30 -0.01
CA LEU A 278 -2.10 9.21 -1.46
C LEU A 278 -2.52 10.52 -2.09
N VAL A 279 -3.57 11.15 -1.54
CA VAL A 279 -4.03 12.44 -2.08
C VAL A 279 -2.91 13.46 -2.01
N LYS A 280 -2.18 13.50 -0.89
CA LYS A 280 -1.05 14.42 -0.77
C LYS A 280 0.01 14.11 -1.81
N ALA A 281 0.33 12.83 -2.00
CA ALA A 281 1.31 12.44 -3.01
C ALA A 281 0.87 12.89 -4.40
N TRP A 282 -0.42 12.76 -4.70
CA TRP A 282 -0.93 13.24 -5.99
C TRP A 282 -0.73 14.75 -6.10
N ALA A 283 -1.08 15.50 -5.05
CA ALA A 283 -0.94 16.95 -5.10
C ALA A 283 0.51 17.35 -5.33
N GLU A 284 1.43 16.86 -4.49
CA GLU A 284 2.84 17.18 -4.66
C GLU A 284 3.36 16.73 -6.01
N GLY A 285 2.86 15.59 -6.52
CA GLY A 285 3.32 15.10 -7.80
C GLY A 285 3.01 16.03 -8.95
N ILE A 286 1.96 16.85 -8.82
CA ILE A 286 1.57 17.80 -9.85
C ILE A 286 1.86 19.25 -9.47
N GLY A 287 2.22 19.51 -8.21
CA GLY A 287 2.52 20.85 -7.78
C GLY A 287 1.39 21.57 -7.07
N ALA A 288 0.36 20.84 -6.62
CA ALA A 288 -0.76 21.46 -5.94
C ALA A 288 -0.43 21.63 -4.46
N ARG A 289 -0.81 22.79 -3.92
CA ARG A 289 -0.52 23.11 -2.53
C ARG A 289 -1.66 22.62 -1.64
N PRO A 290 -1.39 22.41 -0.35
CA PRO A 290 -2.45 21.91 0.53
C PRO A 290 -3.71 22.77 0.51
N GLU A 291 -3.55 24.07 0.26
CA GLU A 291 -4.68 24.99 0.23
CA GLU A 291 -4.68 24.99 0.23
C GLU A 291 -5.52 24.86 -1.04
N GLN A 292 -5.11 24.04 -2.00
CA GLN A 292 -5.79 23.93 -3.28
C GLN A 292 -6.58 22.64 -3.44
N TYR A 293 -6.87 21.94 -2.34
CA TYR A 293 -7.68 20.73 -2.40
C TYR A 293 -8.12 20.37 -0.98
N GLN A 294 -9.10 19.46 -0.90
CA GLN A 294 -9.67 19.05 0.37
C GLN A 294 -9.54 17.54 0.55
N LEU A 295 -9.56 17.13 1.82
CA LEU A 295 -9.66 15.73 2.20
C LEU A 295 -11.01 15.53 2.88
N THR A 296 -11.86 14.69 2.30
CA THR A 296 -13.24 14.57 2.75
C THR A 296 -13.64 13.18 3.20
N MET A 297 -12.73 12.21 3.21
CA MET A 297 -13.08 10.87 3.66
C MET A 297 -13.37 10.82 5.16
N GLY A 298 -13.04 11.87 5.91
CA GLY A 298 -13.14 11.80 7.35
C GLY A 298 -14.56 11.57 7.85
N ASP A 299 -15.54 12.22 7.22
CA ASP A 299 -16.92 12.12 7.67
C ASP A 299 -17.79 11.21 6.79
N THR A 300 -17.31 10.84 5.61
CA THR A 300 -18.09 10.02 4.69
C THR A 300 -17.52 8.63 4.47
N GLY A 301 -16.21 8.44 4.64
CA GLY A 301 -15.57 7.23 4.22
C GLY A 301 -15.26 7.26 2.73
N VAL A 302 -14.70 6.16 2.25
CA VAL A 302 -14.35 6.02 0.84
C VAL A 302 -15.60 5.55 0.10
N MET A 303 -16.26 6.46 -0.61
CA MET A 303 -17.49 6.19 -1.32
C MET A 303 -17.24 5.83 -2.79
N ILE A 304 -16.15 5.12 -3.08
CA ILE A 304 -15.82 4.67 -4.43
C ILE A 304 -16.09 5.77 -5.45
N SER A 305 -17.15 5.64 -6.24
CA SER A 305 -17.41 6.57 -7.32
C SER A 305 -18.04 7.87 -6.87
N VAL A 306 -18.51 7.97 -5.62
CA VAL A 306 -19.16 9.18 -5.14
C VAL A 306 -18.21 10.13 -4.42
N SER A 307 -17.02 9.68 -4.01
CA SER A 307 -16.11 10.56 -3.28
C SER A 307 -15.72 11.77 -4.11
N ILE A 308 -15.49 11.58 -5.40
CA ILE A 308 -15.09 12.68 -6.28
C ILE A 308 -16.23 13.69 -6.36
N PRO A 309 -17.43 13.31 -6.83
CA PRO A 309 -18.52 14.30 -6.90
C PRO A 309 -18.85 14.93 -5.56
N TYR A 310 -18.78 14.16 -4.47
CA TYR A 310 -19.03 14.74 -3.15
C TYR A 310 -17.97 15.79 -2.82
N THR A 311 -16.70 15.50 -3.13
CA THR A 311 -15.65 16.47 -2.86
C THR A 311 -15.83 17.73 -3.69
N LEU A 312 -16.22 17.57 -4.97
CA LEU A 312 -16.51 18.73 -5.80
C LEU A 312 -17.61 19.58 -5.18
N MET A 313 -18.70 18.93 -4.74
CA MET A 313 -19.80 19.67 -4.13
C MET A 313 -19.34 20.41 -2.88
N THR A 314 -18.57 19.75 -2.02
CA THR A 314 -18.11 20.39 -0.78
C THR A 314 -17.33 21.65 -1.08
N GLY A 315 -16.37 21.58 -2.00
CA GLY A 315 -15.58 22.76 -2.33
C GLY A 315 -16.44 23.90 -2.86
N LEU A 316 -17.49 23.58 -3.62
CA LEU A 316 -18.38 24.60 -4.13
C LEU A 316 -19.19 25.23 -2.99
N ARG A 317 -19.79 24.39 -2.14
CA ARG A 317 -20.69 24.88 -1.11
C ARG A 317 -19.95 25.64 -0.01
N GLU A 318 -18.66 25.37 0.18
CA GLU A 318 -17.89 26.01 1.23
C GLU A 318 -17.11 27.24 0.76
N GLY A 319 -17.27 27.64 -0.50
CA GLY A 319 -16.54 28.78 -1.02
C GLY A 319 -15.15 28.47 -1.52
N LYS A 320 -14.69 27.22 -1.40
CA LYS A 320 -13.37 26.86 -1.87
C LYS A 320 -13.27 27.05 -3.38
N ILE A 321 -14.28 26.59 -4.11
CA ILE A 321 -14.36 26.72 -5.56
C ILE A 321 -15.43 27.76 -5.88
N ARG A 322 -15.09 28.71 -6.74
CA ARG A 322 -15.95 29.84 -7.05
C ARG A 322 -16.07 30.01 -8.55
N PRO A 323 -17.06 30.78 -9.00
CA PRO A 323 -17.26 30.96 -10.45
C PRO A 323 -16.01 31.45 -11.15
N GLY A 324 -15.76 30.90 -12.33
CA GLY A 324 -14.60 31.23 -13.12
C GLY A 324 -13.36 30.41 -12.80
N ASP A 325 -13.36 29.65 -11.70
CA ASP A 325 -12.19 28.87 -11.35
C ASP A 325 -11.96 27.76 -12.35
N ARG A 326 -10.70 27.52 -12.68
CA ARG A 326 -10.30 26.36 -13.47
C ARG A 326 -9.80 25.29 -12.50
N ILE A 327 -10.42 24.11 -12.55
CA ILE A 327 -10.11 23.06 -11.61
C ILE A 327 -9.66 21.82 -12.37
N VAL A 328 -9.00 20.93 -11.64
CA VAL A 328 -8.63 19.61 -12.15
C VAL A 328 -9.29 18.57 -11.26
N MET A 329 -9.92 17.58 -11.87
CA MET A 329 -10.48 16.45 -11.15
C MET A 329 -9.72 15.21 -11.59
N ALA A 330 -9.17 14.48 -10.61
CA ALA A 330 -8.36 13.31 -10.92
C ALA A 330 -8.66 12.20 -9.93
N GLY A 331 -8.50 10.98 -10.42
CA GLY A 331 -8.73 9.79 -9.62
C GLY A 331 -8.29 8.60 -10.43
N ALA A 332 -8.44 7.41 -9.85
CA ALA A 332 -8.04 6.19 -10.52
C ALA A 332 -9.19 5.18 -10.49
N ALA A 333 -9.12 4.22 -11.41
CA ALA A 333 -10.13 3.16 -11.48
C ALA A 333 -10.07 2.31 -10.22
N TRP A 336 -8.01 -1.13 -13.95
CA TRP A 336 -6.82 -0.37 -13.57
C TRP A 336 -6.63 0.77 -14.57
N GLY A 337 -7.10 1.95 -14.16
CA GLY A 337 -7.03 3.14 -15.00
C GLY A 337 -6.87 4.38 -14.15
N PHE A 338 -6.42 5.45 -14.78
CA PHE A 338 -6.19 6.73 -14.11
C PHE A 338 -6.65 7.83 -15.04
N ALA A 339 -7.43 8.78 -14.50
CA ALA A 339 -8.07 9.79 -15.33
C ALA A 339 -7.98 11.16 -14.69
N ALA A 340 -7.94 12.19 -15.54
CA ALA A 340 -7.89 13.57 -15.10
C ALA A 340 -8.65 14.43 -16.10
N GLN A 341 -9.26 15.50 -15.59
CA GLN A 341 -10.04 16.41 -16.42
C GLN A 341 -9.78 17.84 -15.97
N VAL A 342 -9.66 18.75 -16.93
CA VAL A 342 -9.45 20.17 -16.67
C VAL A 342 -10.74 20.90 -17.02
N TRP A 343 -11.32 21.56 -16.03
CA TRP A 343 -12.62 22.21 -16.17
C TRP A 343 -12.47 23.70 -15.96
N GLN A 344 -13.06 24.48 -16.87
CA GLN A 344 -13.31 25.90 -16.66
C GLN A 344 -14.75 26.04 -16.16
N LEU A 345 -14.91 26.38 -14.89
CA LEU A 345 -16.22 26.41 -14.28
C LEU A 345 -16.82 27.81 -14.32
N GLY A 346 -18.13 27.87 -14.49
CA GLY A 346 -18.90 29.08 -14.29
C GLY A 346 -19.58 29.07 -12.94
N GLU A 347 -20.84 29.49 -12.91
CA GLU A 347 -21.65 29.38 -11.71
C GLU A 347 -22.31 28.00 -11.69
N VAL A 348 -22.07 27.24 -10.62
CA VAL A 348 -22.62 25.90 -10.46
C VAL A 348 -23.65 25.93 -9.34
N LEU A 349 -24.84 25.41 -9.61
CA LEU A 349 -25.91 25.40 -8.64
C LEU A 349 -25.75 24.20 -7.72
N VAL A 350 -25.47 24.46 -6.45
CA VAL A 350 -25.45 23.43 -5.42
C VAL A 350 -26.82 23.38 -4.76
N CYS A 351 -27.42 22.20 -4.73
CA CYS A 351 -28.76 22.04 -4.19
C CYS A 351 -28.89 20.71 -3.46
N MET B 1 -18.69 5.61 -37.20
CA MET B 1 -18.14 4.32 -36.69
C MET B 1 -17.88 3.36 -37.84
N LEU B 2 -16.62 3.02 -38.06
CA LEU B 2 -16.22 2.08 -39.10
C LEU B 2 -15.88 0.73 -38.47
N ILE B 3 -16.44 -0.34 -39.02
CA ILE B 3 -16.15 -1.69 -38.57
C ILE B 3 -14.93 -2.18 -39.36
N GLN B 4 -13.79 -2.29 -38.67
CA GLN B 4 -12.57 -2.75 -39.32
C GLN B 4 -12.57 -4.27 -39.50
N ALA B 5 -12.97 -5.01 -38.47
CA ALA B 5 -12.97 -6.47 -38.53
C ALA B 5 -13.90 -7.00 -37.46
N VAL B 6 -14.34 -8.24 -37.65
CA VAL B 6 -15.26 -8.90 -36.72
C VAL B 6 -14.70 -10.27 -36.37
N GLY B 7 -14.71 -10.59 -35.08
CA GLY B 7 -14.36 -11.91 -34.61
C GLY B 7 -15.50 -12.49 -33.80
N VAL B 8 -15.68 -13.81 -33.91
CA VAL B 8 -16.76 -14.49 -33.23
C VAL B 8 -16.32 -15.89 -32.85
N ASN B 9 -16.80 -16.36 -31.70
CA ASN B 9 -16.48 -17.71 -31.22
C ASN B 9 -17.65 -18.16 -30.36
N LEU B 10 -18.38 -19.17 -30.82
CA LEU B 10 -19.54 -19.69 -30.12
C LEU B 10 -19.28 -21.12 -29.69
N PRO B 11 -19.88 -21.58 -28.60
CA PRO B 11 -19.75 -22.98 -28.23
C PRO B 11 -20.46 -23.86 -29.24
N PRO B 12 -19.94 -25.07 -29.51
CA PRO B 12 -20.60 -25.96 -30.46
C PRO B 12 -21.83 -26.67 -29.91
N SER B 13 -22.07 -26.58 -28.61
CA SER B 13 -23.16 -27.29 -27.98
C SER B 13 -24.40 -26.41 -28.00
N TYR B 14 -25.48 -26.91 -28.60
CA TYR B 14 -26.74 -26.19 -28.68
C TYR B 14 -27.74 -26.84 -27.75
N VAL B 15 -28.53 -26.01 -27.07
CA VAL B 15 -29.53 -26.46 -26.12
C VAL B 15 -30.88 -25.90 -26.52
N CYS B 16 -31.87 -26.77 -26.54
CA CYS B 16 -33.20 -26.45 -27.04
CA CYS B 16 -33.21 -26.46 -27.04
C CYS B 16 -34.14 -26.22 -25.86
N LEU B 17 -34.95 -25.17 -25.95
CA LEU B 17 -35.94 -24.85 -24.94
C LEU B 17 -37.29 -24.64 -25.60
N GLU B 18 -38.34 -25.21 -25.02
CA GLU B 18 -39.70 -25.03 -25.50
CA GLU B 18 -39.69 -25.02 -25.51
C GLU B 18 -40.32 -23.77 -24.88
N GLY B 19 -41.40 -23.31 -25.51
CA GLY B 19 -42.13 -22.16 -25.01
C GLY B 19 -42.20 -21.05 -26.04
N PRO B 20 -43.12 -20.09 -25.83
CA PRO B 20 -43.27 -19.01 -26.81
C PRO B 20 -41.99 -18.25 -27.09
N LEU B 21 -41.11 -18.12 -26.10
CA LEU B 21 -39.85 -17.41 -26.26
C LEU B 21 -38.66 -18.38 -26.30
N GLY B 22 -38.91 -19.63 -26.67
CA GLY B 22 -37.88 -20.64 -26.70
C GLY B 22 -37.10 -20.67 -28.00
N GLY B 23 -36.34 -21.73 -28.17
CA GLY B 23 -35.52 -21.91 -29.35
C GLY B 23 -34.30 -22.75 -29.00
N GLU B 24 -33.46 -22.93 -30.01
CA GLU B 24 -32.21 -23.70 -29.88
C GLU B 24 -31.05 -22.70 -29.93
N ARG B 25 -30.35 -22.57 -28.81
CA ARG B 25 -29.31 -21.55 -28.69
C ARG B 25 -28.01 -22.17 -28.22
N PRO B 26 -26.86 -21.58 -28.57
CA PRO B 26 -25.59 -22.06 -28.02
C PRO B 26 -25.55 -21.87 -26.51
N ARG B 27 -24.89 -22.82 -25.84
CA ARG B 27 -24.83 -22.81 -24.37
C ARG B 27 -23.50 -23.35 -23.93
N ALA B 28 -22.76 -22.55 -23.15
CA ALA B 28 -21.51 -23.01 -22.57
C ALA B 28 -21.77 -24.16 -21.60
N GLN B 29 -20.82 -25.08 -21.51
CA GLN B 29 -20.98 -26.30 -20.73
C GLN B 29 -19.94 -26.36 -19.62
N GLY B 30 -20.28 -27.09 -18.56
CA GLY B 30 -19.33 -27.36 -17.50
C GLY B 30 -18.72 -26.10 -16.91
N ASP B 31 -17.40 -26.14 -16.75
CA ASP B 31 -16.65 -25.03 -16.17
C ASP B 31 -16.02 -24.15 -17.25
N GLU B 32 -16.50 -24.23 -18.48
CA GLU B 32 -16.01 -23.35 -19.54
CA GLU B 32 -16.01 -23.35 -19.54
C GLU B 32 -16.15 -21.89 -19.12
N MET B 33 -15.14 -21.10 -19.47
CA MET B 33 -15.13 -19.68 -19.14
C MET B 33 -15.23 -18.84 -20.40
N LEU B 34 -15.76 -17.62 -20.24
CA LEU B 34 -16.00 -16.77 -21.40
C LEU B 34 -14.70 -16.40 -22.10
N MET B 35 -13.65 -16.15 -21.32
CA MET B 35 -12.39 -15.71 -21.91
C MET B 35 -11.81 -16.75 -22.85
N GLN B 36 -12.13 -18.03 -22.64
CA GLN B 36 -11.65 -19.07 -23.54
C GLN B 36 -12.12 -18.85 -24.97
N ARG B 37 -13.28 -18.23 -25.15
CA ARG B 37 -13.82 -17.93 -26.47
C ARG B 37 -13.64 -16.48 -26.87
N LEU B 38 -13.67 -15.55 -25.91
CA LEU B 38 -13.53 -14.14 -26.23
C LEU B 38 -12.13 -13.85 -26.77
N LEU B 39 -11.10 -14.40 -26.12
CA LEU B 39 -9.73 -14.13 -26.55
C LEU B 39 -9.49 -14.53 -28.00
N PRO B 40 -9.78 -15.78 -28.42
CA PRO B 40 -9.58 -16.10 -29.85
C PRO B 40 -10.43 -15.27 -30.78
N ALA B 41 -11.64 -14.87 -30.35
CA ALA B 41 -12.47 -14.01 -31.18
C ALA B 41 -11.81 -12.65 -31.38
N VAL B 42 -11.23 -12.08 -30.33
CA VAL B 42 -10.54 -10.80 -30.45
C VAL B 42 -9.31 -10.95 -31.35
N ARG B 43 -8.49 -11.98 -31.08
CA ARG B 43 -7.29 -12.18 -31.89
C ARG B 43 -7.65 -12.35 -33.36
N GLU B 44 -8.77 -13.02 -33.64
CA GLU B 44 -9.22 -13.16 -35.02
C GLU B 44 -9.45 -11.80 -35.65
N ALA B 45 -10.13 -10.90 -34.93
CA ALA B 45 -10.43 -9.58 -35.48
C ALA B 45 -9.17 -8.75 -35.64
N LEU B 46 -8.26 -8.80 -34.66
CA LEU B 46 -7.03 -8.03 -34.74
C LEU B 46 -6.19 -8.47 -35.94
N ASP B 47 -6.11 -9.79 -36.19
CA ASP B 47 -5.31 -10.29 -37.30
C ASP B 47 -5.89 -9.83 -38.63
N GLU B 48 -7.21 -9.93 -38.79
CA GLU B 48 -7.84 -9.51 -40.04
C GLU B 48 -7.52 -8.06 -40.35
N ALA B 49 -7.50 -7.21 -39.33
CA ALA B 49 -7.24 -5.79 -39.51
C ALA B 49 -5.77 -5.44 -39.38
N ALA B 50 -4.91 -6.40 -39.04
CA ALA B 50 -3.47 -6.15 -38.90
C ALA B 50 -3.22 -5.05 -37.86
N VAL B 51 -3.83 -5.21 -36.70
CA VAL B 51 -3.71 -4.27 -35.59
C VAL B 51 -3.12 -5.00 -34.40
N LYS B 52 -2.06 -4.45 -33.82
CA LYS B 52 -1.42 -5.05 -32.66
C LYS B 52 -2.18 -4.68 -31.39
N PRO B 53 -2.20 -5.57 -30.39
CA PRO B 53 -2.86 -5.22 -29.12
C PRO B 53 -2.35 -3.92 -28.51
N GLU B 54 -1.09 -3.57 -28.73
CA GLU B 54 -0.55 -2.31 -28.23
C GLU B 54 -1.17 -1.10 -28.90
N GLU B 55 -1.83 -1.28 -30.04
CA GLU B 55 -2.44 -0.18 -30.78
C GLU B 55 -3.88 0.09 -30.38
N ILE B 56 -4.43 -0.68 -29.44
CA ILE B 56 -5.82 -0.51 -29.02
C ILE B 56 -5.89 0.67 -28.05
N ASP B 57 -6.74 1.65 -28.38
CA ASP B 57 -6.90 2.83 -27.54
C ASP B 57 -8.00 2.67 -26.50
N LEU B 58 -8.99 1.81 -26.75
CA LEU B 58 -10.15 1.73 -25.89
C LEU B 58 -10.78 0.34 -26.02
N ILE B 59 -11.22 -0.20 -24.89
CA ILE B 59 -11.92 -1.49 -24.85
C ILE B 59 -13.18 -1.30 -24.03
N VAL B 60 -14.33 -1.63 -24.61
CA VAL B 60 -15.62 -1.53 -23.96
C VAL B 60 -16.30 -2.89 -24.02
N GLY B 61 -16.77 -3.38 -22.87
CA GLY B 61 -17.30 -4.71 -22.74
C GLY B 61 -18.77 -4.72 -22.44
N LEU B 62 -19.45 -5.77 -22.89
CA LEU B 62 -20.87 -6.01 -22.60
C LEU B 62 -21.05 -7.48 -22.26
N ALA B 63 -21.51 -7.76 -21.04
CA ALA B 63 -21.68 -9.15 -20.61
C ALA B 63 -22.65 -9.18 -19.43
N LEU B 64 -23.72 -9.96 -19.56
CA LEU B 64 -24.67 -10.11 -18.46
C LEU B 64 -24.30 -11.24 -17.52
N SER B 65 -23.54 -12.22 -17.99
CA SER B 65 -23.20 -13.39 -17.16
C SER B 65 -22.53 -12.93 -15.88
N PRO B 66 -23.02 -13.37 -14.70
CA PRO B 66 -22.42 -12.89 -13.44
C PRO B 66 -21.20 -13.67 -13.00
N ASP B 67 -20.86 -14.76 -13.69
CA ASP B 67 -19.68 -15.55 -13.35
C ASP B 67 -19.29 -16.35 -14.60
N HIS B 68 -18.37 -17.28 -14.43
CA HIS B 68 -17.82 -18.05 -15.55
C HIS B 68 -17.27 -17.12 -16.63
N LEU B 69 -16.71 -15.99 -16.21
CA LEU B 69 -16.07 -15.04 -17.12
C LEU B 69 -14.58 -15.30 -17.19
N ILE B 70 -13.93 -15.42 -16.03
CA ILE B 70 -12.49 -15.66 -15.94
C ILE B 70 -12.25 -16.66 -14.82
N GLU B 71 -11.02 -17.18 -14.77
CA GLU B 71 -10.66 -18.19 -13.77
C GLU B 71 -10.93 -17.71 -12.36
N ASN B 72 -10.67 -16.45 -12.08
CA ASN B 72 -10.82 -15.88 -10.75
C ASN B 72 -12.30 -15.72 -10.38
N ARG B 73 -12.71 -16.44 -9.34
CA ARG B 73 -14.11 -16.49 -8.93
C ARG B 73 -14.62 -15.10 -8.53
N PRO B 78 -17.64 -9.57 -12.08
CA PRO B 78 -16.35 -9.14 -12.63
C PRO B 78 -16.49 -8.75 -14.10
N LYS B 79 -16.14 -7.51 -14.46
CA LYS B 79 -16.42 -7.07 -15.81
C LYS B 79 -15.39 -7.63 -16.79
N ILE B 80 -15.79 -7.70 -18.05
CA ILE B 80 -15.00 -8.43 -19.03
C ILE B 80 -13.87 -7.58 -19.61
N GLY B 81 -14.03 -6.25 -19.63
CA GLY B 81 -13.05 -5.42 -20.30
C GLY B 81 -11.65 -5.53 -19.73
N HIS B 82 -11.53 -5.58 -18.40
CA HIS B 82 -10.19 -5.53 -17.80
C HIS B 82 -9.44 -6.84 -17.96
N PRO B 83 -10.00 -8.01 -17.62
CA PRO B 83 -9.24 -9.25 -17.82
C PRO B 83 -8.83 -9.47 -19.26
N LEU B 84 -9.59 -8.95 -20.22
CA LEU B 84 -9.21 -9.06 -21.62
C LEU B 84 -7.95 -8.25 -21.91
N GLN B 85 -7.89 -7.01 -21.40
CA GLN B 85 -6.69 -6.20 -21.55
C GLN B 85 -5.47 -6.92 -21.02
N LYS B 86 -5.59 -7.58 -19.87
CA LYS B 86 -4.44 -8.25 -19.27
C LYS B 86 -3.89 -9.33 -20.18
N VAL B 87 -4.76 -10.17 -20.74
CA VAL B 87 -4.30 -11.28 -21.56
C VAL B 87 -3.88 -10.80 -22.95
N LEU B 88 -4.51 -9.75 -23.47
CA LEU B 88 -4.14 -9.23 -24.78
C LEU B 88 -2.77 -8.55 -24.76
N GLY B 89 -2.45 -7.90 -23.65
CA GLY B 89 -1.29 -7.01 -23.61
C GLY B 89 -1.57 -5.64 -24.16
N ALA B 90 -2.84 -5.22 -24.18
CA ALA B 90 -3.22 -3.88 -24.64
C ALA B 90 -2.93 -2.88 -23.52
N ASN B 91 -1.64 -2.67 -23.28
CA ASN B 91 -1.22 -1.88 -22.13
C ASN B 91 -1.52 -0.40 -22.31
N ARG B 92 -1.75 0.05 -23.54
CA ARG B 92 -2.08 1.45 -23.82
C ARG B 92 -3.58 1.68 -23.92
N ALA B 93 -4.39 0.67 -23.62
CA ALA B 93 -5.82 0.75 -23.82
C ALA B 93 -6.51 1.16 -22.53
N HIS B 94 -7.60 1.92 -22.68
CA HIS B 94 -8.50 2.27 -21.60
C HIS B 94 -9.72 1.37 -21.63
N VAL B 95 -10.29 1.12 -20.44
CA VAL B 95 -11.31 0.09 -20.28
C VAL B 95 -12.48 0.62 -19.45
N PHE B 96 -13.70 0.34 -19.91
CA PHE B 96 -14.89 0.46 -19.08
C PHE B 96 -15.95 -0.48 -19.65
N ASP B 97 -17.10 -0.52 -18.97
CA ASP B 97 -18.15 -1.48 -19.28
C ASP B 97 -19.48 -0.76 -19.36
N LEU B 98 -20.34 -1.20 -20.28
CA LEU B 98 -21.67 -0.60 -20.45
C LEU B 98 -22.79 -1.57 -20.06
N THR B 99 -22.49 -2.57 -19.23
CA THR B 99 -23.49 -3.39 -18.55
C THR B 99 -24.59 -3.90 -19.49
N ASP B 100 -25.83 -3.51 -19.24
CA ASP B 100 -26.97 -4.08 -19.96
C ASP B 100 -27.36 -3.27 -21.19
N SER B 101 -26.45 -2.48 -21.74
CA SER B 101 -26.73 -1.74 -22.96
C SER B 101 -26.80 -2.70 -24.15
N SER B 102 -27.55 -2.30 -25.16
CA SER B 102 -27.54 -3.01 -26.43
C SER B 102 -26.27 -2.68 -27.20
N LEU B 103 -25.94 -3.52 -28.18
CA LEU B 103 -24.77 -3.28 -29.02
C LEU B 103 -24.94 -1.99 -29.82
N ALA B 104 -26.12 -1.76 -30.38
CA ALA B 104 -26.35 -0.56 -31.18
C ALA B 104 -26.14 0.69 -30.33
N ARG B 105 -26.70 0.71 -29.12
CA ARG B 105 -26.53 1.87 -28.25
C ARG B 105 -25.08 2.05 -27.84
N ALA B 106 -24.37 0.94 -27.58
CA ALA B 106 -22.97 1.03 -27.17
C ALA B 106 -22.09 1.56 -28.30
N LEU B 107 -22.34 1.12 -29.53
CA LEU B 107 -21.55 1.60 -30.65
C LEU B 107 -21.75 3.09 -30.87
N TYR B 108 -22.98 3.58 -30.67
CA TYR B 108 -23.26 5.00 -30.80
C TYR B 108 -22.51 5.81 -29.74
N VAL B 109 -22.65 5.40 -28.47
CA VAL B 109 -21.98 6.11 -27.38
C VAL B 109 -20.47 6.07 -27.56
N VAL B 110 -19.93 4.89 -27.86
CA VAL B 110 -18.49 4.74 -28.03
C VAL B 110 -18.01 5.58 -29.22
N ASP B 111 -18.77 5.56 -30.32
CA ASP B 111 -18.40 6.35 -31.49
C ASP B 111 -18.34 7.83 -31.15
N THR B 112 -19.27 8.31 -30.32
CA THR B 112 -19.27 9.71 -29.92
C THR B 112 -18.07 10.03 -29.03
N LEU B 113 -17.84 9.21 -28.00
CA LEU B 113 -16.73 9.45 -27.09
C LEU B 113 -15.39 9.29 -27.79
N ALA B 114 -15.19 8.18 -28.48
CA ALA B 114 -13.88 7.87 -29.05
C ALA B 114 -13.48 8.88 -30.11
N SER B 115 -14.43 9.27 -30.99
CA SER B 115 -14.12 10.28 -31.98
C SER B 115 -13.78 11.61 -31.32
N ASP B 116 -14.47 11.93 -30.23
CA ASP B 116 -14.21 13.17 -29.51
C ASP B 116 -12.88 13.13 -28.76
N GLN B 117 -12.37 11.94 -28.45
CA GLN B 117 -11.06 11.80 -27.82
C GLN B 117 -9.94 11.54 -28.82
N GLY B 118 -10.26 11.35 -30.10
CA GLY B 118 -9.24 11.14 -31.11
C GLY B 118 -8.70 9.74 -31.21
N TYR B 119 -9.34 8.76 -30.58
CA TYR B 119 -8.88 7.38 -30.70
C TYR B 119 -9.11 6.86 -32.11
N ARG B 120 -8.26 5.92 -32.52
CA ARG B 120 -8.32 5.32 -33.85
C ARG B 120 -8.64 3.84 -33.85
N ASN B 121 -8.29 3.11 -32.79
CA ASN B 121 -8.52 1.67 -32.72
C ASN B 121 -9.28 1.36 -31.43
N VAL B 122 -10.57 1.11 -31.55
CA VAL B 122 -11.44 0.83 -30.42
C VAL B 122 -11.99 -0.58 -30.56
N LEU B 123 -12.10 -1.28 -29.43
CA LEU B 123 -12.54 -2.67 -29.41
C LEU B 123 -13.79 -2.78 -28.56
N VAL B 124 -14.90 -3.15 -29.19
CA VAL B 124 -16.17 -3.40 -28.50
C VAL B 124 -16.43 -4.89 -28.54
N VAL B 125 -16.59 -5.50 -27.36
CA VAL B 125 -16.73 -6.94 -27.23
C VAL B 125 -18.04 -7.25 -26.52
N ARG B 126 -18.66 -8.36 -26.92
CA ARG B 126 -19.91 -8.84 -26.34
C ARG B 126 -19.74 -10.33 -26.08
N GLY B 127 -20.10 -10.76 -24.87
CA GLY B 127 -19.90 -12.15 -24.50
C GLY B 127 -20.88 -12.61 -23.44
N GLU B 128 -21.15 -13.91 -23.44
CA GLU B 128 -21.99 -14.54 -22.44
C GLU B 128 -21.48 -15.95 -22.16
N SER B 129 -21.50 -16.32 -20.88
CA SER B 129 -21.24 -17.70 -20.44
C SER B 129 -22.18 -17.90 -19.25
N SER B 130 -23.42 -18.27 -19.54
CA SER B 130 -24.53 -18.13 -18.60
C SER B 130 -24.78 -19.37 -17.76
N GLN B 131 -23.74 -20.15 -17.44
CA GLN B 131 -23.92 -21.28 -16.54
C GLN B 131 -24.50 -20.84 -15.20
N GLY B 132 -24.13 -19.65 -14.73
CA GLY B 132 -24.59 -19.10 -13.48
C GLY B 132 -25.96 -18.45 -13.49
N LEU B 133 -26.73 -18.62 -14.56
CA LEU B 133 -28.06 -18.06 -14.67
C LEU B 133 -29.06 -19.15 -15.03
N GLU B 134 -30.12 -19.26 -14.24
CA GLU B 134 -31.19 -20.20 -14.55
C GLU B 134 -32.07 -19.63 -15.64
N VAL B 135 -32.34 -20.44 -16.66
CA VAL B 135 -33.20 -20.00 -17.76
C VAL B 135 -34.64 -19.88 -17.26
N ASP B 136 -35.47 -19.20 -18.06
CA ASP B 136 -36.89 -19.09 -17.77
C ASP B 136 -37.59 -20.29 -18.41
N SER B 137 -37.89 -21.30 -17.59
CA SER B 137 -38.48 -22.52 -18.11
C SER B 137 -39.93 -22.34 -18.52
N GLU B 138 -40.61 -21.32 -17.98
CA GLU B 138 -42.01 -21.10 -18.34
C GLU B 138 -42.15 -20.53 -19.75
N SER B 139 -41.39 -19.48 -20.07
CA SER B 139 -41.44 -18.88 -21.39
C SER B 139 -40.44 -19.49 -22.36
N GLY B 140 -39.41 -20.16 -21.86
CA GLY B 140 -38.36 -20.69 -22.72
C GLY B 140 -37.26 -19.71 -23.06
N PHE B 141 -37.26 -18.52 -22.45
CA PHE B 141 -36.23 -17.54 -22.77
C PHE B 141 -34.89 -17.94 -22.17
N ALA B 142 -33.84 -17.79 -22.96
CA ALA B 142 -32.49 -18.05 -22.52
C ALA B 142 -31.55 -17.18 -23.34
N LEU B 143 -30.41 -16.85 -22.75
CA LEU B 143 -29.37 -16.11 -23.47
C LEU B 143 -28.55 -17.04 -24.33
N ALA B 144 -28.18 -16.56 -25.51
CA ALA B 144 -27.20 -17.26 -26.34
C ALA B 144 -25.80 -16.98 -25.81
N ASP B 145 -24.99 -18.04 -25.71
CA ASP B 145 -23.61 -17.93 -25.24
C ASP B 145 -22.65 -17.80 -26.43
N GLY B 146 -21.50 -17.20 -26.16
CA GLY B 146 -20.47 -17.01 -27.14
C GLY B 146 -19.78 -15.68 -26.93
N ALA B 147 -18.99 -15.27 -27.93
CA ALA B 147 -18.23 -14.04 -27.85
C ALA B 147 -18.19 -13.36 -29.21
N LEU B 148 -18.36 -12.04 -29.21
CA LEU B 148 -18.32 -11.22 -30.40
C LEU B 148 -17.33 -10.09 -30.18
N ALA B 149 -16.47 -9.86 -31.16
CA ALA B 149 -15.44 -8.82 -31.08
C ALA B 149 -15.58 -7.91 -32.29
N LEU B 150 -15.75 -6.61 -32.03
CA LEU B 150 -15.84 -5.59 -33.08
C LEU B 150 -14.66 -4.64 -32.93
N LEU B 151 -13.76 -4.66 -33.91
CA LEU B 151 -12.67 -3.69 -33.97
C LEU B 151 -13.12 -2.51 -34.83
N CYS B 152 -13.19 -1.33 -34.22
CA CYS B 152 -13.82 -0.19 -34.84
C CYS B 152 -12.85 0.98 -35.00
N ARG B 153 -13.18 1.87 -35.92
CA ARG B 153 -12.54 3.17 -36.04
C ARG B 153 -13.62 4.23 -35.89
N PRO B 154 -13.61 5.04 -34.84
CA PRO B 154 -14.69 6.02 -34.66
C PRO B 154 -14.64 7.12 -35.70
N THR B 155 -15.82 7.64 -36.03
CA THR B 155 -15.95 8.80 -36.91
C THR B 155 -16.84 9.90 -36.35
N GLY B 156 -17.76 9.59 -35.45
CA GLY B 156 -18.68 10.56 -34.90
C GLY B 156 -19.92 10.83 -35.72
N LYS B 157 -20.05 10.23 -36.90
CA LYS B 157 -21.19 10.46 -37.78
C LYS B 157 -22.19 9.32 -37.77
N ALA B 158 -22.07 8.39 -36.83
CA ALA B 158 -23.05 7.33 -36.71
C ALA B 158 -24.36 7.92 -36.18
N ALA B 159 -25.45 7.63 -36.88
CA ALA B 159 -26.78 8.04 -36.43
C ALA B 159 -27.39 6.93 -35.59
N PHE B 160 -28.30 7.32 -34.69
CA PHE B 160 -28.87 6.39 -33.73
C PHE B 160 -30.34 6.72 -33.50
N ARG B 161 -31.16 5.68 -33.36
CA ARG B 161 -32.57 5.84 -33.07
C ARG B 161 -33.03 4.75 -32.11
N ARG B 162 -34.04 5.08 -31.31
CA ARG B 162 -34.60 4.18 -30.31
C ARG B 162 -36.10 4.10 -30.54
N GLY B 163 -36.60 2.91 -30.87
CA GLY B 163 -37.97 2.76 -31.29
C GLY B 163 -38.71 1.71 -30.48
N ALA B 164 -40.04 1.84 -30.50
CA ALA B 164 -40.91 0.93 -29.78
C ALA B 164 -41.11 -0.37 -30.55
N LEU B 165 -41.57 -1.39 -29.84
CA LEU B 165 -41.90 -2.67 -30.46
C LEU B 165 -43.22 -2.57 -31.20
N GLY B 166 -43.48 -3.56 -32.05
CA GLY B 166 -44.72 -3.63 -32.80
C GLY B 166 -45.86 -4.16 -31.94
N GLY B 167 -46.87 -4.71 -32.64
CA GLY B 167 -48.04 -5.22 -31.95
C GLY B 167 -48.99 -4.12 -31.53
N ASP B 168 -49.90 -4.50 -30.64
CA ASP B 168 -50.88 -3.56 -30.10
C ASP B 168 -50.18 -2.43 -29.36
N PRO B 169 -50.31 -1.17 -29.78
CA PRO B 169 -49.63 -0.08 -29.07
C PRO B 169 -50.11 0.10 -27.65
N ALA B 170 -51.31 -0.38 -27.32
CA ALA B 170 -51.80 -0.31 -25.95
C ALA B 170 -51.27 -1.44 -25.08
N GLN B 171 -50.63 -2.44 -25.68
CA GLN B 171 -50.10 -3.57 -24.91
C GLN B 171 -48.77 -3.19 -24.27
N GLU B 172 -48.65 -3.47 -22.98
CA GLU B 172 -47.41 -3.21 -22.24
C GLU B 172 -46.60 -4.49 -22.23
N TRP B 173 -45.52 -4.53 -23.01
CA TRP B 173 -44.65 -5.69 -23.02
C TRP B 173 -43.89 -5.79 -21.71
N LEU B 174 -43.90 -6.97 -21.11
CA LEU B 174 -43.23 -7.19 -19.84
C LEU B 174 -41.75 -7.44 -20.05
N PRO B 175 -40.85 -6.67 -19.43
CA PRO B 175 -39.44 -6.76 -19.78
C PRO B 175 -38.73 -7.92 -19.10
N LEU B 176 -37.52 -8.17 -19.57
CA LEU B 176 -36.62 -9.12 -18.93
C LEU B 176 -36.08 -8.55 -17.63
N SER B 177 -36.01 -9.39 -16.60
CA SER B 177 -35.32 -9.06 -15.37
C SER B 177 -34.50 -10.28 -14.96
N ILE B 178 -33.47 -10.03 -14.17
CA ILE B 178 -32.61 -11.12 -13.69
C ILE B 178 -32.54 -11.01 -12.16
N PRO B 179 -33.54 -11.52 -11.45
CA PRO B 179 -33.49 -11.44 -9.98
C PRO B 179 -32.30 -12.20 -9.42
N LEU B 180 -31.82 -11.72 -8.28
CA LEU B 180 -30.73 -12.37 -7.58
C LEU B 180 -31.22 -13.65 -6.91
N ASN B 181 -30.38 -14.68 -6.94
CA ASN B 181 -30.67 -15.90 -6.19
C ASN B 181 -30.50 -15.61 -4.71
N THR B 182 -31.60 -15.68 -3.96
CA THR B 182 -31.58 -15.34 -2.54
C THR B 182 -31.12 -16.49 -1.65
N ASP B 183 -30.80 -17.66 -2.21
CA ASP B 183 -30.43 -18.83 -1.42
C ASP B 183 -29.19 -19.50 -2.03
N ILE B 184 -28.12 -18.73 -2.17
CA ILE B 184 -26.85 -19.27 -2.65
C ILE B 184 -26.13 -19.88 -1.47
N ARG B 185 -26.05 -21.22 -1.43
CA ARG B 185 -25.46 -21.92 -0.29
C ARG B 185 -24.16 -22.64 -0.59
N GLN B 186 -23.96 -23.17 -1.80
CA GLN B 186 -22.75 -23.91 -2.10
C GLN B 186 -22.27 -23.59 -3.51
N VAL B 187 -21.03 -23.98 -3.79
CA VAL B 187 -20.43 -23.71 -5.08
C VAL B 187 -21.22 -24.45 -6.16
N GLY B 188 -21.47 -23.75 -7.27
CA GLY B 188 -22.23 -24.27 -8.37
C GLY B 188 -23.63 -23.69 -8.48
N ASP B 189 -24.16 -23.12 -7.39
CA ASP B 189 -25.48 -22.53 -7.46
C ASP B 189 -25.48 -21.35 -8.42
N VAL B 190 -26.62 -21.12 -9.07
CA VAL B 190 -26.77 -19.98 -9.95
C VAL B 190 -26.71 -18.69 -9.13
N LYS B 191 -26.26 -17.61 -9.77
CA LYS B 191 -26.25 -16.30 -9.14
C LYS B 191 -27.55 -15.55 -9.36
N GLY B 192 -28.30 -15.89 -10.41
CA GLY B 192 -29.56 -15.22 -10.72
C GLY B 192 -30.42 -16.10 -11.60
N HIS B 193 -31.62 -15.59 -11.87
CA HIS B 193 -32.62 -16.31 -12.65
C HIS B 193 -33.11 -15.42 -13.78
N LEU B 194 -33.19 -15.95 -14.99
CA LEU B 194 -33.78 -15.21 -16.10
C LEU B 194 -35.30 -15.19 -15.96
N ASN B 195 -35.87 -13.99 -16.04
CA ASN B 195 -37.33 -13.81 -15.91
C ASN B 195 -37.82 -12.95 -17.07
N LEU B 196 -38.44 -13.58 -18.05
CA LEU B 196 -39.08 -12.88 -19.16
C LEU B 196 -40.42 -13.56 -19.43
N PRO B 197 -41.53 -12.98 -18.96
CA PRO B 197 -42.82 -13.68 -19.03
C PRO B 197 -43.19 -14.14 -20.43
N ALA B 198 -43.87 -15.27 -20.49
CA ALA B 198 -44.28 -15.86 -21.77
C ALA B 198 -45.20 -14.91 -22.52
N GLN B 199 -44.75 -14.45 -23.69
CA GLN B 199 -45.50 -13.50 -24.50
C GLN B 199 -45.39 -13.95 -25.96
N PRO B 200 -46.34 -14.74 -26.45
CA PRO B 200 -46.16 -15.36 -27.77
C PRO B 200 -46.05 -14.37 -28.92
N GLY B 201 -46.62 -13.18 -28.79
CA GLY B 201 -46.48 -12.17 -29.82
C GLY B 201 -45.20 -11.36 -29.76
N LEU B 202 -44.31 -11.63 -28.80
CA LEU B 202 -43.14 -10.77 -28.64
C LEU B 202 -42.12 -10.96 -29.75
N PRO B 203 -41.76 -12.19 -30.15
CA PRO B 203 -40.75 -12.33 -31.22
C PRO B 203 -41.13 -11.59 -32.50
N GLU B 204 -42.40 -11.68 -32.92
CA GLU B 204 -42.81 -10.95 -34.11
C GLU B 204 -42.86 -9.44 -33.85
N ALA B 205 -43.25 -9.05 -32.63
CA ALA B 205 -43.30 -7.63 -32.30
C ALA B 205 -41.92 -6.99 -32.42
N VAL B 206 -40.87 -7.72 -32.03
CA VAL B 206 -39.51 -7.20 -32.14
C VAL B 206 -39.14 -6.99 -33.60
N ARG B 207 -39.41 -7.99 -34.44
CA ARG B 207 -39.09 -7.87 -35.86
C ARG B 207 -39.90 -6.76 -36.53
N ALA B 208 -41.14 -6.55 -36.07
CA ALA B 208 -41.91 -5.41 -36.57
C ALA B 208 -41.32 -4.09 -36.11
N GLY B 209 -40.73 -4.05 -34.90
CA GLY B 209 -40.02 -2.87 -34.47
C GLY B 209 -38.82 -2.55 -35.33
N PHE B 210 -38.05 -3.57 -35.70
CA PHE B 210 -36.93 -3.37 -36.62
C PHE B 210 -37.39 -2.67 -37.89
N THR B 211 -38.46 -3.18 -38.52
CA THR B 211 -38.92 -2.63 -39.78
C THR B 211 -39.36 -1.18 -39.61
N ARG B 212 -40.13 -0.88 -38.55
CA ARG B 212 -40.58 0.49 -38.32
C ARG B 212 -39.39 1.41 -38.05
N LEU B 213 -38.44 0.95 -37.25
CA LEU B 213 -37.30 1.80 -36.90
C LEU B 213 -36.45 2.13 -38.12
N ALA B 214 -36.23 1.15 -39.01
CA ALA B 214 -35.41 1.39 -40.19
C ALA B 214 -35.96 2.53 -41.04
N GLY B 215 -37.26 2.81 -40.95
CA GLY B 215 -37.84 3.93 -41.67
C GLY B 215 -37.27 5.27 -41.26
N ASP B 216 -36.74 5.37 -40.03
CA ASP B 216 -36.13 6.59 -39.53
C ASP B 216 -34.73 6.84 -40.10
N PHE B 217 -34.20 5.91 -40.89
CA PHE B 217 -32.86 6.03 -41.48
C PHE B 217 -32.97 5.85 -42.98
N PRO B 218 -31.91 6.21 -43.72
CA PRO B 218 -31.90 5.93 -45.15
C PRO B 218 -32.00 4.43 -45.41
N GLN B 219 -32.28 4.07 -46.66
CA GLN B 219 -32.51 2.67 -47.01
C GLN B 219 -31.16 1.96 -47.10
N LEU B 220 -30.77 1.31 -46.01
CA LEU B 220 -29.50 0.64 -45.87
C LEU B 220 -29.72 -0.85 -45.66
N ASN B 221 -28.75 -1.65 -46.11
CA ASN B 221 -28.75 -3.07 -45.78
C ASN B 221 -28.63 -3.26 -44.28
N TRP B 222 -29.13 -4.39 -43.79
CA TRP B 222 -29.26 -4.64 -42.36
C TRP B 222 -28.30 -5.70 -41.85
N VAL B 223 -27.91 -5.52 -40.60
CA VAL B 223 -27.38 -6.59 -39.75
C VAL B 223 -28.19 -6.52 -38.46
N ARG B 224 -28.95 -7.57 -38.17
CA ARG B 224 -29.92 -7.54 -37.08
CA ARG B 224 -29.91 -7.53 -37.07
C ARG B 224 -29.67 -8.71 -36.13
N GLU B 225 -30.11 -8.53 -34.89
CA GLU B 225 -30.06 -9.56 -33.87
C GLU B 225 -31.35 -10.37 -33.89
N GLU B 226 -31.24 -11.64 -33.51
CA GLU B 226 -32.41 -12.51 -33.38
C GLU B 226 -32.32 -13.26 -32.05
N TRP B 227 -33.15 -12.88 -31.09
CA TRP B 227 -33.11 -13.43 -29.74
C TRP B 227 -34.06 -14.60 -29.54
N PHE B 228 -34.95 -14.87 -30.51
CA PHE B 228 -35.98 -15.89 -30.35
C PHE B 228 -35.99 -16.84 -31.53
N GLY B 229 -36.35 -18.09 -31.24
CA GLY B 229 -36.38 -19.13 -32.25
C GLY B 229 -37.67 -19.25 -33.02
N GLN B 230 -38.75 -18.62 -32.54
CA GLN B 230 -40.04 -18.70 -33.22
C GLN B 230 -39.92 -18.26 -34.68
N GLY B 231 -40.47 -19.07 -35.58
CA GLY B 231 -40.44 -18.78 -36.99
C GLY B 231 -39.09 -18.92 -37.65
N ARG B 232 -38.05 -19.29 -36.90
CA ARG B 232 -36.72 -19.44 -37.47
C ARG B 232 -36.48 -20.89 -37.87
N PRO B 233 -35.60 -21.14 -38.83
CA PRO B 233 -35.32 -22.53 -39.23
C PRO B 233 -34.71 -23.32 -38.08
N ASP B 234 -35.33 -24.46 -37.78
CA ASP B 234 -34.94 -25.33 -36.68
C ASP B 234 -35.07 -24.66 -35.33
N GLY B 235 -35.76 -23.51 -35.27
CA GLY B 235 -35.88 -22.79 -34.01
C GLY B 235 -34.57 -22.28 -33.48
N ARG B 236 -33.52 -22.26 -34.30
CA ARG B 236 -32.19 -21.88 -33.86
C ARG B 236 -31.99 -20.37 -34.02
N CYS B 237 -31.38 -19.76 -33.00
CA CYS B 237 -31.04 -18.34 -33.03
C CYS B 237 -29.83 -18.11 -32.14
N LEU B 238 -29.08 -17.05 -32.44
CA LEU B 238 -27.82 -16.76 -31.77
C LEU B 238 -27.84 -15.44 -31.02
N GLY B 239 -29.01 -14.83 -30.81
CA GLY B 239 -29.08 -13.57 -30.11
C GLY B 239 -28.24 -12.50 -30.79
N PRO B 240 -27.54 -11.68 -30.01
CA PRO B 240 -26.68 -10.66 -30.63
C PRO B 240 -25.60 -11.24 -31.53
N PHE B 241 -25.24 -12.52 -31.36
CA PHE B 241 -24.17 -13.11 -32.15
C PHE B 241 -24.59 -13.41 -33.59
N GLU B 242 -25.87 -13.24 -33.93
CA GLU B 242 -26.29 -13.33 -35.32
C GLU B 242 -25.56 -12.32 -36.18
N LEU B 243 -25.12 -11.21 -35.59
CA LEU B 243 -24.53 -10.12 -36.37
C LEU B 243 -23.26 -10.56 -37.08
N ALA B 244 -22.53 -11.53 -36.53
CA ALA B 244 -21.24 -11.92 -37.08
C ALA B 244 -21.36 -12.38 -38.53
N SER B 245 -22.22 -13.38 -38.77
CA SER B 245 -22.35 -13.92 -40.12
C SER B 245 -22.85 -12.85 -41.09
N GLN B 246 -23.77 -11.99 -40.63
CA GLN B 246 -24.30 -10.95 -41.50
C GLN B 246 -23.24 -9.92 -41.84
N LEU B 247 -22.40 -9.56 -40.87
CA LEU B 247 -21.34 -8.59 -41.12
C LEU B 247 -20.32 -9.12 -42.13
N ARG B 248 -19.97 -10.40 -42.01
CA ARG B 248 -19.02 -10.98 -42.97
C ARG B 248 -19.66 -11.15 -44.35
N ALA B 249 -20.96 -11.46 -44.40
CA ALA B 249 -21.65 -11.51 -45.68
C ALA B 249 -21.70 -10.13 -46.33
N ALA B 250 -21.77 -9.07 -45.53
CA ALA B 250 -21.74 -7.72 -46.06
C ALA B 250 -20.35 -7.36 -46.60
N GLN B 251 -19.30 -7.85 -45.94
CA GLN B 251 -17.94 -7.59 -46.42
C GLN B 251 -17.71 -8.27 -47.77
N ARG B 252 -18.22 -9.49 -47.95
CA ARG B 252 -18.08 -10.16 -49.23
C ARG B 252 -18.80 -9.41 -50.34
N ASP B 253 -19.95 -8.82 -50.02
CA ASP B 253 -20.71 -8.05 -51.00
C ASP B 253 -20.16 -6.65 -51.22
N ARG B 254 -19.04 -6.30 -50.58
CA ARG B 254 -18.39 -5.01 -50.82
C ARG B 254 -19.29 -3.85 -50.41
N LEU B 255 -20.02 -4.03 -49.31
CA LEU B 255 -20.89 -2.97 -48.81
C LEU B 255 -20.08 -1.99 -47.96
N ASP B 256 -20.32 -0.70 -48.18
CA ASP B 256 -19.61 0.36 -47.48
C ASP B 256 -20.39 0.93 -46.30
N GLU B 257 -21.68 0.63 -46.19
CA GLU B 257 -22.51 1.19 -45.12
C GLU B 257 -23.55 0.16 -44.75
N LEU B 258 -24.00 0.22 -43.49
CA LEU B 258 -25.00 -0.71 -42.99
C LEU B 258 -25.78 -0.06 -41.86
N LEU B 259 -26.88 -0.71 -41.50
CA LEU B 259 -27.67 -0.36 -40.33
C LEU B 259 -27.64 -1.56 -39.40
N LEU B 260 -27.18 -1.36 -38.18
CA LEU B 260 -27.17 -2.42 -37.17
C LEU B 260 -28.33 -2.18 -36.22
N ILE B 261 -29.16 -3.20 -36.03
CA ILE B 261 -30.37 -3.08 -35.22
C ILE B 261 -30.30 -4.12 -34.11
N SER B 262 -30.44 -3.64 -32.88
CA SER B 262 -30.42 -4.49 -31.69
C SER B 262 -31.80 -4.54 -31.05
N PHE B 263 -32.02 -5.56 -30.23
CA PHE B 263 -33.19 -5.66 -29.38
C PHE B 263 -32.75 -5.60 -27.92
N ASP B 264 -33.38 -4.71 -27.16
CA ASP B 264 -33.08 -4.54 -25.74
C ASP B 264 -34.21 -5.15 -24.92
N PRO B 265 -34.06 -6.35 -24.37
CA PRO B 265 -35.15 -6.95 -23.59
C PRO B 265 -35.39 -6.28 -22.25
N PHE B 266 -34.45 -5.45 -21.77
CA PHE B 266 -34.65 -4.77 -20.49
C PHE B 266 -35.55 -3.55 -20.63
N GLY B 267 -35.34 -2.76 -21.69
CA GLY B 267 -36.22 -1.65 -22.00
C GLY B 267 -37.37 -2.01 -22.92
N MET B 268 -37.34 -3.20 -23.50
CA MET B 268 -38.35 -3.64 -24.46
C MET B 268 -38.52 -2.62 -25.58
N VAL B 269 -37.39 -2.36 -26.24
CA VAL B 269 -37.33 -1.45 -27.38
C VAL B 269 -36.34 -2.03 -28.39
N VAL B 270 -36.31 -1.43 -29.56
CA VAL B 270 -35.32 -1.74 -30.58
C VAL B 270 -34.48 -0.50 -30.80
N GLU B 271 -33.20 -0.72 -31.11
CA GLU B 271 -32.24 0.36 -31.24
C GLU B 271 -31.37 0.11 -32.45
N GLY B 272 -31.17 1.14 -33.27
CA GLY B 272 -30.39 1.02 -34.49
C GLY B 272 -29.32 2.07 -34.57
N VAL B 273 -28.21 1.70 -35.22
CA VAL B 273 -27.07 2.60 -35.41
C VAL B 273 -26.51 2.38 -36.81
N THR B 274 -26.17 3.48 -37.48
CA THR B 274 -25.59 3.41 -38.82
C THR B 274 -24.07 3.26 -38.71
N LEU B 275 -23.50 2.47 -39.63
CA LEU B 275 -22.09 2.11 -39.58
C LEU B 275 -21.52 2.08 -40.99
N GLU B 276 -20.21 2.25 -41.07
CA GLU B 276 -19.44 1.98 -42.27
C GLU B 276 -18.73 0.64 -42.12
N LEU B 277 -18.44 0.01 -43.25
CA LEU B 277 -17.84 -1.32 -43.27
C LEU B 277 -16.62 -1.33 -44.18
N ALA B 278 -15.50 -1.82 -43.65
CA ALA B 278 -14.29 -1.94 -44.43
C ALA B 278 -14.37 -3.14 -45.37
N GLY B 279 -13.64 -3.05 -46.48
CA GLY B 279 -13.61 -4.12 -47.46
C GLY B 279 -12.82 -5.33 -47.00
N GLY C 1 21.17 24.84 9.22
CA GLY C 1 22.37 25.10 10.07
C GLY C 1 23.67 24.80 9.36
N PRO C 2 24.62 25.73 9.37
CA PRO C 2 25.91 25.46 8.71
C PRO C 2 26.59 24.23 9.30
N HIS C 3 27.05 23.36 8.41
CA HIS C 3 27.76 22.15 8.81
C HIS C 3 29.09 22.54 9.45
N MET C 4 29.23 22.26 10.76
CA MET C 4 30.49 22.55 11.44
C MET C 4 31.65 21.77 10.81
N HIS C 5 31.42 20.51 10.48
CA HIS C 5 32.41 19.68 9.82
C HIS C 5 31.75 18.91 8.69
N LYS C 6 32.54 18.53 7.70
CA LYS C 6 32.07 17.75 6.57
C LYS C 6 32.35 16.26 6.80
N VAL C 7 31.46 15.43 6.26
CA VAL C 7 31.51 13.99 6.45
C VAL C 7 31.98 13.34 5.15
N LYS C 8 33.09 12.62 5.21
CA LYS C 8 33.67 11.96 4.05
C LYS C 8 33.39 10.47 4.11
N LEU C 9 32.76 9.94 3.06
CA LEU C 9 32.65 8.50 2.87
C LEU C 9 33.95 8.04 2.22
N ALA C 10 34.86 7.51 3.04
CA ALA C 10 36.23 7.30 2.59
C ALA C 10 36.41 6.00 1.82
N ALA C 11 35.81 4.92 2.31
CA ALA C 11 36.02 3.61 1.69
C ALA C 11 34.82 2.71 1.95
N ILE C 12 34.70 1.67 1.12
CA ILE C 12 33.59 0.73 1.22
C ILE C 12 34.03 -0.59 0.63
N THR C 13 33.50 -1.68 1.18
CA THR C 13 33.74 -3.02 0.64
C THR C 13 32.58 -3.91 1.06
N CYS C 14 32.47 -5.05 0.38
CA CYS C 14 31.46 -6.03 0.71
C CYS C 14 32.08 -7.42 0.70
N GLU C 15 31.40 -8.34 1.36
CA GLU C 15 31.82 -9.74 1.39
C GLU C 15 30.56 -10.60 1.30
N LEU C 16 30.39 -11.28 0.19
CA LEU C 16 29.24 -12.15 -0.04
C LEU C 16 29.64 -13.61 0.10
N PRO C 17 28.67 -14.50 0.36
CA PRO C 17 29.01 -15.92 0.44
C PRO C 17 29.55 -16.43 -0.89
N ALA C 18 30.44 -17.42 -0.81
CA ALA C 18 31.10 -17.92 -2.00
C ALA C 18 30.13 -18.67 -2.91
N ARG C 19 29.17 -19.38 -2.33
CA ARG C 19 28.25 -20.21 -3.10
CA ARG C 19 28.25 -20.21 -3.10
C ARG C 19 26.98 -19.44 -3.44
N SER C 20 26.41 -19.76 -4.60
CA SER C 20 25.16 -19.17 -5.07
C SER C 20 24.17 -20.28 -5.37
N TYR C 21 22.87 -19.94 -5.28
CA TYR C 21 21.80 -20.92 -5.42
C TYR C 21 20.79 -20.42 -6.44
N GLU C 22 20.43 -21.28 -7.40
CA GLU C 22 19.45 -20.95 -8.41
C GLU C 22 18.03 -21.09 -7.87
N ASN C 23 17.07 -20.54 -8.60
CA ASN C 23 15.67 -20.61 -8.20
C ASN C 23 15.15 -22.04 -8.17
N ASP C 24 15.75 -22.94 -8.94
CA ASP C 24 15.36 -24.34 -8.96
C ASP C 24 16.26 -25.20 -8.08
N ASP C 25 17.00 -24.58 -7.16
CA ASP C 25 17.91 -25.32 -6.31
C ASP C 25 17.12 -26.24 -5.37
N PRO C 26 17.64 -27.44 -5.07
CA PRO C 26 16.90 -28.35 -4.19
C PRO C 26 16.54 -27.74 -2.83
N VAL C 27 17.21 -26.67 -2.41
CA VAL C 27 16.91 -26.06 -1.12
C VAL C 27 15.46 -25.60 -1.05
N PHE C 28 14.82 -25.36 -2.19
CA PHE C 28 13.44 -24.92 -2.25
C PHE C 28 12.48 -26.07 -2.56
N ALA C 29 12.93 -27.32 -2.40
CA ALA C 29 12.11 -28.46 -2.80
C ALA C 29 10.81 -28.54 -2.00
N ALA C 30 10.83 -28.12 -0.74
CA ALA C 30 9.66 -28.22 0.13
C ALA C 30 8.74 -27.01 0.04
N VAL C 31 9.04 -26.04 -0.82
CA VAL C 31 8.23 -24.84 -0.93
C VAL C 31 7.04 -25.11 -1.84
N PRO C 32 5.80 -24.97 -1.36
CA PRO C 32 4.64 -25.17 -2.23
C PRO C 32 4.17 -23.88 -2.88
N ASP C 33 3.46 -24.05 -3.99
CA ASP C 33 2.78 -22.96 -4.68
C ASP C 33 3.76 -21.96 -5.29
N LEU C 34 4.91 -22.43 -5.76
CA LEU C 34 5.83 -21.57 -6.50
C LEU C 34 5.39 -21.50 -7.96
N SER C 35 5.50 -20.29 -8.53
CA SER C 35 5.05 -20.07 -9.89
C SER C 35 6.02 -19.12 -10.59
N GLU C 36 5.92 -19.08 -11.92
CA GLU C 36 6.76 -18.17 -12.69
C GLU C 36 6.45 -16.71 -12.34
N SER C 37 5.18 -16.40 -12.07
CA SER C 37 4.82 -15.05 -11.68
C SER C 37 5.50 -14.64 -10.38
N TRP C 38 5.68 -15.59 -9.46
CA TRP C 38 6.35 -15.29 -8.20
C TRP C 38 7.80 -14.89 -8.46
N TRP C 39 8.51 -15.65 -9.29
CA TRP C 39 9.91 -15.36 -9.57
C TRP C 39 10.08 -14.05 -10.31
N GLN C 40 9.23 -13.79 -11.32
CA GLN C 40 9.30 -12.53 -12.04
C GLN C 40 8.99 -11.35 -11.13
N PHE C 41 8.07 -11.54 -10.19
CA PHE C 41 7.65 -10.46 -9.31
C PHE C 41 8.81 -9.92 -8.48
N TRP C 42 9.62 -10.81 -7.91
CA TRP C 42 10.69 -10.39 -7.02
C TRP C 42 12.02 -10.16 -7.72
N GLY C 43 12.17 -10.67 -8.95
CA GLY C 43 13.34 -10.34 -9.75
C GLY C 43 14.63 -11.01 -9.33
N VAL C 44 14.58 -12.02 -8.47
CA VAL C 44 15.77 -12.72 -8.01
C VAL C 44 15.97 -13.96 -8.88
N ASN C 45 17.20 -14.15 -9.36
CA ASN C 45 17.58 -15.32 -10.13
C ASN C 45 18.51 -16.25 -9.37
N ARG C 46 19.43 -15.69 -8.58
CA ARG C 46 20.32 -16.48 -7.76
C ARG C 46 20.62 -15.70 -6.48
N ARG C 47 21.11 -16.42 -5.47
CA ARG C 47 21.23 -15.88 -4.13
C ARG C 47 22.36 -16.60 -3.41
N GLY C 48 22.86 -15.96 -2.36
CA GLY C 48 23.96 -16.51 -1.58
C GLY C 48 23.54 -16.75 -0.14
N TYR C 49 23.97 -17.89 0.40
CA TYR C 49 23.76 -18.25 1.80
C TYR C 49 25.12 -18.53 2.44
N PHE C 50 25.33 -18.02 3.64
CA PHE C 50 26.53 -18.37 4.39
C PHE C 50 26.60 -19.89 4.56
N ASP C 51 27.79 -20.45 4.39
CA ASP C 51 28.03 -21.86 4.63
C ASP C 51 28.87 -22.01 5.89
N PRO C 52 28.27 -22.16 7.07
CA PRO C 52 29.07 -22.25 8.30
C PRO C 52 30.00 -23.44 8.30
N ARG C 53 29.69 -24.49 7.54
CA ARG C 53 30.59 -25.64 7.46
C ARG C 53 31.93 -25.25 6.86
N ASN C 54 31.94 -24.25 5.98
CA ASN C 54 33.17 -23.76 5.35
CA ASN C 54 33.18 -23.77 5.36
C ASN C 54 33.68 -22.48 6.00
N GLY C 55 33.29 -22.20 7.24
CA GLY C 55 33.81 -21.06 7.97
C GLY C 55 33.12 -19.75 7.68
N GLU C 56 32.02 -19.75 6.92
CA GLU C 56 31.30 -18.53 6.59
C GLU C 56 30.22 -18.28 7.63
N ASN C 57 30.22 -17.08 8.22
CA ASN C 57 29.15 -16.67 9.11
C ASN C 57 29.15 -15.15 9.17
N GLU C 58 28.26 -14.59 10.00
CA GLU C 58 28.12 -13.15 10.06
C GLU C 58 29.36 -12.46 10.62
N PHE C 59 30.21 -13.18 11.34
CA PHE C 59 31.38 -12.59 11.98
C PHE C 59 32.65 -12.82 11.16
N SER C 60 32.91 -14.06 10.74
CA SER C 60 34.16 -14.37 10.05
C SER C 60 34.32 -13.52 8.79
N LEU C 61 33.23 -13.32 8.03
CA LEU C 61 33.33 -12.55 6.79
C LEU C 61 33.44 -11.06 7.06
N VAL C 62 32.91 -10.57 8.17
CA VAL C 62 33.09 -9.17 8.53
C VAL C 62 34.54 -8.90 8.89
N VAL C 63 35.15 -9.80 9.67
CA VAL C 63 36.57 -9.66 10.02
C VAL C 63 37.42 -9.60 8.76
N ARG C 64 37.13 -10.49 7.80
CA ARG C 64 37.86 -10.48 6.54
C ARG C 64 37.70 -9.14 5.81
N ALA C 65 36.47 -8.66 5.70
CA ALA C 65 36.22 -7.41 5.00
C ALA C 65 36.77 -6.22 5.77
N ALA C 66 36.56 -6.19 7.10
CA ALA C 66 37.03 -5.07 7.90
C ALA C 66 38.55 -4.97 7.89
N GLU C 67 39.23 -6.11 8.07
CA GLU C 67 40.69 -6.11 8.04
C GLU C 67 41.22 -5.68 6.68
N ARG C 68 40.52 -6.07 5.61
CA ARG C 68 40.94 -5.67 4.27
C ARG C 68 40.76 -4.18 4.06
N LEU C 69 39.65 -3.62 4.55
CA LEU C 69 39.40 -2.19 4.36
C LEU C 69 40.39 -1.35 5.18
N LEU C 70 40.59 -1.72 6.45
CA LEU C 70 41.55 -0.98 7.28
C LEU C 70 42.94 -1.02 6.65
N ARG C 71 43.34 -2.17 6.12
CA ARG C 71 44.66 -2.29 5.49
C ARG C 71 44.75 -1.46 4.23
N SER C 72 43.69 -1.47 3.40
CA SER C 72 43.74 -0.76 2.12
C SER C 72 43.66 0.75 2.32
N SER C 73 42.87 1.20 3.29
CA SER C 73 42.73 2.62 3.56
C SER C 73 43.82 3.17 4.48
N ASP C 74 44.77 2.33 4.87
CA ASP C 74 45.85 2.74 5.78
C ASP C 74 45.28 3.43 7.01
N THR C 75 44.35 2.75 7.66
CA THR C 75 43.69 3.26 8.87
C THR C 75 44.17 2.45 10.05
N ALA C 76 44.83 3.11 11.00
CA ALA C 76 45.28 2.43 12.21
C ALA C 76 44.07 2.03 13.04
N PRO C 77 44.03 0.80 13.57
CA PRO C 77 42.86 0.41 14.38
C PRO C 77 42.59 1.32 15.57
N ASP C 78 43.63 1.81 16.23
CA ASP C 78 43.45 2.65 17.41
C ASP C 78 42.95 4.05 17.07
N SER C 79 42.92 4.42 15.80
CA SER C 79 42.42 5.73 15.39
C SER C 79 40.92 5.74 15.12
N VAL C 80 40.26 4.59 15.18
CA VAL C 80 38.82 4.52 14.98
C VAL C 80 38.11 4.91 16.26
N ASP C 81 37.23 5.91 16.18
CA ASP C 81 36.56 6.44 17.35
C ASP C 81 35.23 5.75 17.65
N MET C 82 34.62 5.10 16.66
CA MET C 82 33.30 4.52 16.85
C MET C 82 33.11 3.40 15.84
N LEU C 83 32.42 2.35 16.27
CA LEU C 83 32.11 1.20 15.42
C LEU C 83 30.61 0.94 15.54
N ILE C 84 29.89 1.12 14.44
CA ILE C 84 28.43 0.94 14.40
C ILE C 84 28.14 -0.27 13.53
N CYS C 85 27.49 -1.27 14.12
CA CYS C 85 27.18 -2.52 13.45
C CYS C 85 25.68 -2.74 13.42
N SER C 86 25.22 -3.47 12.40
CA SER C 86 23.83 -3.86 12.29
C SER C 86 23.75 -5.31 11.84
N ALA C 87 22.77 -6.03 12.35
CA ALA C 87 22.55 -7.42 11.97
C ALA C 87 21.07 -7.71 12.22
N SER C 88 20.30 -7.90 11.14
CA SER C 88 18.85 -8.00 11.27
C SER C 88 18.43 -9.30 11.92
N SER C 89 19.23 -10.34 11.80
CA SER C 89 18.85 -11.61 12.42
C SER C 89 19.19 -11.56 13.91
N PRO C 90 18.22 -11.82 14.80
CA PRO C 90 18.54 -11.84 16.24
C PRO C 90 19.48 -12.96 16.65
N ILE C 91 19.81 -13.89 15.76
CA ILE C 91 20.68 -15.01 16.10
C ILE C 91 22.06 -14.74 15.51
N MET C 92 23.06 -14.76 16.37
CA MET C 92 24.46 -14.71 15.98
C MET C 92 25.13 -16.02 16.36
N THR C 93 26.25 -16.32 15.69
CA THR C 93 26.82 -17.66 15.72
C THR C 93 28.31 -17.71 16.04
N ASP C 94 29.05 -16.61 15.91
CA ASP C 94 30.50 -16.65 16.08
C ASP C 94 30.98 -15.38 16.77
N ALA C 95 32.00 -15.53 17.62
CA ALA C 95 32.60 -14.40 18.32
C ALA C 95 34.12 -14.42 18.21
N GLY C 96 34.68 -15.14 17.25
CA GLY C 96 36.10 -15.13 17.02
C GLY C 96 36.89 -15.58 18.25
N ASP C 97 38.00 -14.90 18.49
CA ASP C 97 38.86 -15.19 19.62
C ASP C 97 38.44 -14.47 20.90
N VAL C 98 37.52 -13.52 20.81
CA VAL C 98 37.08 -12.77 21.99
C VAL C 98 36.31 -13.67 22.93
N LEU C 99 35.30 -14.38 22.40
CA LEU C 99 34.50 -15.34 23.16
C LEU C 99 34.53 -16.65 22.38
N PRO C 100 35.65 -17.38 22.43
CA PRO C 100 35.83 -18.53 21.52
C PRO C 100 34.87 -19.68 21.76
N ASP C 101 34.34 -19.82 22.97
CA ASP C 101 33.48 -20.95 23.30
C ASP C 101 32.00 -20.66 23.08
N LEU C 102 31.65 -19.44 22.68
CA LEU C 102 30.25 -19.05 22.53
C LEU C 102 29.80 -19.31 21.09
N ARG C 103 28.65 -19.98 20.95
CA ARG C 103 28.14 -20.35 19.64
C ARG C 103 26.86 -19.56 19.34
N GLY C 104 25.76 -20.26 19.06
CA GLY C 104 24.48 -19.60 18.84
C GLY C 104 24.10 -18.73 20.02
N ARG C 105 23.84 -17.45 19.77
CA ARG C 105 23.57 -16.51 20.86
C ARG C 105 22.60 -15.45 20.38
N LEU C 106 21.81 -14.94 21.33
CA LEU C 106 20.99 -13.75 21.10
C LEU C 106 21.75 -12.47 21.43
N TYR C 107 22.56 -12.50 22.48
CA TYR C 107 23.35 -11.36 22.92
C TYR C 107 24.66 -11.89 23.48
N PRO C 108 25.73 -11.08 23.46
CA PRO C 108 25.78 -9.70 22.98
C PRO C 108 25.72 -9.61 21.46
N ARG C 109 25.64 -8.40 20.92
CA ARG C 109 25.66 -8.23 19.47
C ARG C 109 27.11 -8.21 18.99
N MET C 110 27.40 -7.46 17.93
CA MET C 110 28.69 -7.58 17.26
C MET C 110 29.70 -6.50 17.64
N ALA C 111 29.25 -5.27 17.90
CA ALA C 111 30.17 -4.14 17.97
C ALA C 111 31.27 -4.36 19.02
N ASN C 112 30.89 -4.68 20.25
CA ASN C 112 31.90 -4.84 21.29
CA ASN C 112 31.88 -4.86 21.31
C ASN C 112 32.86 -5.97 20.95
N VAL C 113 32.34 -7.12 20.54
CA VAL C 113 33.19 -8.26 20.22
C VAL C 113 34.08 -7.95 19.02
N LEU C 114 33.52 -7.31 17.99
CA LEU C 114 34.30 -7.05 16.78
C LEU C 114 35.41 -6.04 17.04
N SER C 115 35.15 -5.03 17.86
CA SER C 115 36.18 -4.03 18.15
C SER C 115 37.39 -4.65 18.83
N LYS C 116 37.15 -5.63 19.71
CA LYS C 116 38.26 -6.30 20.36
C LYS C 116 38.99 -7.23 19.39
N GLN C 117 38.26 -7.86 18.47
CA GLN C 117 38.88 -8.73 17.49
C GLN C 117 39.79 -7.94 16.55
N LEU C 118 39.38 -6.73 16.17
CA LEU C 118 40.14 -5.91 15.24
C LEU C 118 41.14 -4.99 15.94
N GLY C 119 41.13 -4.92 17.26
CA GLY C 119 42.04 -4.04 17.97
C GLY C 119 41.63 -2.59 17.96
N LEU C 120 40.33 -2.30 17.86
CA LEU C 120 39.82 -0.93 17.91
C LEU C 120 39.71 -0.51 19.37
N SER C 121 40.87 -0.20 19.96
CA SER C 121 40.98 0.04 21.39
C SER C 121 40.27 1.32 21.84
N ARG C 122 40.07 2.28 20.94
CA ARG C 122 39.44 3.55 21.28
C ARG C 122 38.04 3.70 20.70
N ALA C 123 37.49 2.64 20.09
CA ALA C 123 36.23 2.74 19.38
C ALA C 123 35.06 2.53 20.34
N LEU C 124 34.11 3.44 20.32
CA LEU C 124 32.85 3.26 21.03
C LEU C 124 32.00 2.27 20.24
N PRO C 125 31.60 1.15 20.83
CA PRO C 125 30.79 0.18 20.06
C PRO C 125 29.30 0.47 20.15
N LEU C 126 28.62 0.30 19.02
CA LEU C 126 27.19 0.54 18.94
C LEU C 126 26.58 -0.43 17.96
N ASP C 127 25.41 -0.97 18.31
CA ASP C 127 24.67 -1.90 17.47
C ASP C 127 23.26 -1.35 17.29
N SER C 128 22.99 -0.81 16.10
CA SER C 128 21.69 -0.22 15.78
CA SER C 128 21.70 -0.21 15.77
C SER C 128 20.92 -1.13 14.83
N GLN C 129 19.60 -1.01 14.87
CA GLN C 129 18.73 -1.85 14.05
C GLN C 129 17.64 -1.01 13.40
N MET C 130 17.66 -0.96 12.07
CA MET C 130 16.56 -0.43 11.26
C MET C 130 16.33 -1.35 10.07
N GLU C 131 16.59 -2.64 10.23
CA GLU C 131 16.33 -3.68 9.22
C GLU C 131 17.04 -3.26 7.92
N SER C 132 16.36 -3.29 6.77
CA SER C 132 17.00 -3.06 5.47
C SER C 132 17.54 -1.66 5.31
N ALA C 133 17.18 -0.71 6.19
CA ALA C 133 17.67 0.65 6.11
C ALA C 133 18.84 0.89 7.07
N SER C 134 19.34 -0.15 7.73
CA SER C 134 20.34 0.03 8.78
C SER C 134 21.61 0.68 8.25
N PHE C 135 21.98 0.40 7.00
CA PHE C 135 23.19 1.02 6.46
C PHE C 135 23.04 2.53 6.39
N LEU C 136 21.86 3.01 5.96
CA LEU C 136 21.63 4.45 5.91
C LEU C 136 21.54 5.05 7.30
N LEU C 137 20.88 4.36 8.24
CA LEU C 137 20.84 4.87 9.61
C LEU C 137 22.24 4.98 10.19
N ASN C 138 23.08 3.98 9.96
CA ASN C 138 24.42 4.00 10.52
C ASN C 138 25.25 5.12 9.91
N LEU C 139 25.08 5.39 8.62
CA LEU C 139 25.76 6.54 8.02
C LEU C 139 25.28 7.84 8.64
N ARG C 140 24.00 7.92 9.00
CA ARG C 140 23.49 9.14 9.60
C ARG C 140 24.00 9.32 11.03
N LEU C 141 23.97 8.25 11.83
CA LEU C 141 24.55 8.31 13.16
C LEU C 141 26.01 8.74 13.09
N ALA C 142 26.78 8.08 12.21
CA ALA C 142 28.18 8.47 12.04
C ALA C 142 28.31 9.91 11.60
N ALA C 143 27.48 10.34 10.65
CA ALA C 143 27.56 11.70 10.15
C ALA C 143 27.31 12.72 11.25
N SER C 144 26.34 12.47 12.11
CA SER C 144 26.04 13.41 13.19
CA SER C 144 26.04 13.41 13.18
C SER C 144 27.15 13.44 14.22
N MET C 145 27.78 12.29 14.49
CA MET C 145 28.90 12.28 15.41
C MET C 145 30.08 13.07 14.85
N ILE C 146 30.35 12.91 13.55
CA ILE C 146 31.45 13.64 12.93
C ILE C 146 31.11 15.13 12.82
N ARG C 147 29.88 15.45 12.44
CA ARG C 147 29.51 16.86 12.28
CA ARG C 147 29.49 16.85 12.28
C ARG C 147 29.67 17.63 13.58
N GLN C 148 29.32 17.01 14.70
CA GLN C 148 29.37 17.68 16.00
C GLN C 148 30.71 17.49 16.70
N GLY C 149 31.73 17.02 16.00
CA GLY C 149 33.07 16.94 16.58
C GLY C 149 33.24 15.86 17.62
N LYS C 150 32.32 14.89 17.69
CA LYS C 150 32.39 13.82 18.66
C LYS C 150 33.10 12.58 18.12
N ALA C 151 33.54 12.62 16.86
CA ALA C 151 34.26 11.49 16.28
C ALA C 151 35.00 11.98 15.05
N GLU C 152 36.15 11.38 14.79
CA GLU C 152 36.92 11.67 13.58
C GLU C 152 36.87 10.54 12.56
N LYS C 153 36.78 9.29 13.01
CA LYS C 153 36.68 8.14 12.13
C LYS C 153 35.65 7.18 12.69
N VAL C 154 34.69 6.79 11.84
CA VAL C 154 33.63 5.88 12.24
C VAL C 154 33.61 4.70 11.27
N LEU C 155 33.66 3.50 11.80
CA LEU C 155 33.59 2.28 11.00
C LEU C 155 32.17 1.73 11.07
N VAL C 156 31.58 1.49 9.90
CA VAL C 156 30.20 1.03 9.78
C VAL C 156 30.20 -0.39 9.24
N VAL C 157 29.38 -1.24 9.84
CA VAL C 157 29.30 -2.65 9.48
C VAL C 157 27.84 -3.06 9.36
N CYS C 158 27.52 -3.78 8.29
CA CYS C 158 26.24 -4.45 8.17
C CYS C 158 26.52 -5.90 7.81
N SER C 159 25.96 -6.82 8.59
CA SER C 159 26.19 -8.25 8.38
C SER C 159 24.84 -8.94 8.51
N GLU C 160 24.36 -9.50 7.41
CA GLU C 160 23.03 -10.09 7.35
C GLU C 160 23.19 -11.60 7.21
N TYR C 161 22.81 -12.32 8.25
CA TYR C 161 22.78 -13.77 8.22
C TYR C 161 21.32 -14.17 8.34
N ILE C 162 20.52 -13.79 7.34
CA ILE C 162 19.07 -13.97 7.42
C ILE C 162 18.66 -15.36 7.01
N SER C 163 19.54 -16.13 6.39
CA SER C 163 19.21 -17.49 5.99
C SER C 163 18.89 -18.36 7.21
N ASN C 164 19.44 -18.01 8.38
CA ASN C 164 19.17 -18.80 9.59
C ASN C 164 17.78 -18.53 10.16
N LEU C 165 17.01 -17.64 9.54
CA LEU C 165 15.63 -17.39 9.94
C LEU C 165 14.63 -17.79 8.86
N LEU C 166 15.09 -18.20 7.68
CA LEU C 166 14.16 -18.49 6.59
C LEU C 166 13.50 -19.85 6.80
N ASP C 167 12.20 -19.89 6.55
CA ASP C 167 11.43 -21.13 6.58
C ASP C 167 11.38 -21.66 5.15
N PHE C 168 12.21 -22.66 4.86
CA PHE C 168 12.32 -23.17 3.49
C PHE C 168 11.19 -24.11 3.11
N THR C 169 10.13 -24.20 3.92
CA THR C 169 8.87 -24.77 3.49
C THR C 169 7.88 -23.69 3.07
N SER C 170 8.30 -22.43 3.05
CA SER C 170 7.46 -21.30 2.70
C SER C 170 8.08 -20.53 1.53
N ARG C 171 7.23 -19.87 0.75
CA ARG C 171 7.71 -19.08 -0.38
C ARG C 171 8.56 -17.89 0.08
N THR C 172 8.41 -17.47 1.34
CA THR C 172 9.17 -16.33 1.83
C THR C 172 10.67 -16.58 1.81
N SER C 173 11.09 -17.84 1.88
CA SER C 173 12.51 -18.17 1.89
C SER C 173 13.21 -17.91 0.57
N THR C 174 12.47 -17.63 -0.51
CA THR C 174 13.07 -17.47 -1.82
C THR C 174 13.52 -16.04 -2.12
N LEU C 175 13.34 -15.11 -1.18
CA LEU C 175 13.56 -13.70 -1.46
C LEU C 175 14.85 -13.15 -0.89
N PHE C 176 15.24 -13.58 0.30
CA PHE C 176 16.34 -12.95 1.03
C PHE C 176 17.61 -13.78 0.96
N ALA C 177 18.74 -13.12 1.19
CA ALA C 177 20.05 -13.75 1.08
C ALA C 177 21.01 -13.10 2.07
N ASP C 178 22.19 -13.70 2.20
CA ASP C 178 23.20 -13.26 3.15
C ASP C 178 24.27 -12.41 2.47
N GLY C 179 24.97 -11.63 3.29
CA GLY C 179 26.03 -10.77 2.81
C GLY C 179 26.51 -9.78 3.85
N CYS C 180 27.68 -9.19 3.62
CA CYS C 180 28.28 -8.25 4.55
C CYS C 180 28.75 -7.01 3.80
N ALA C 181 28.73 -5.87 4.51
CA ALA C 181 29.25 -4.62 3.97
C ALA C 181 29.98 -3.88 5.07
N VAL C 182 31.09 -3.23 4.71
CA VAL C 182 31.88 -2.43 5.63
C VAL C 182 32.21 -1.11 4.96
N ALA C 183 32.09 -0.01 5.70
CA ALA C 183 32.37 1.31 5.17
C ALA C 183 33.04 2.16 6.24
N LEU C 184 33.86 3.11 5.79
CA LEU C 184 34.59 4.00 6.68
C LEU C 184 34.20 5.45 6.38
N LEU C 185 33.77 6.17 7.41
CA LEU C 185 33.47 7.59 7.31
C LEU C 185 34.43 8.37 8.21
N THR C 186 34.91 9.50 7.70
CA THR C 186 35.87 10.32 8.43
C THR C 186 35.46 11.79 8.30
N ARG C 187 36.08 12.62 9.14
CA ARG C 187 35.95 14.06 8.99
C ARG C 187 36.68 14.49 7.73
N GLY C 188 36.03 15.33 6.93
CA GLY C 188 36.61 15.74 5.66
C GLY C 188 36.46 17.22 5.36
N ASP C 189 36.89 18.09 6.28
CA ASP C 189 36.76 19.52 6.04
C ASP C 189 37.58 19.96 4.84
N ASP C 190 38.74 19.32 4.62
CA ASP C 190 39.58 19.70 3.50
C ASP C 190 39.13 19.07 2.18
N ASP C 191 38.41 17.95 2.22
CA ASP C 191 37.98 17.27 1.01
C ASP C 191 36.63 17.79 0.55
N SER C 192 36.16 17.30 -0.60
CA SER C 192 34.92 17.75 -1.22
C SER C 192 33.69 16.98 -0.76
N CYS C 193 33.85 15.75 -0.28
CA CYS C 193 32.71 14.92 0.07
C CYS C 193 31.97 15.45 1.30
N ASP C 194 30.65 15.33 1.28
CA ASP C 194 29.84 15.71 2.43
C ASP C 194 28.44 15.13 2.29
N LEU C 195 27.78 14.97 3.44
CA LEU C 195 26.36 14.61 3.50
C LEU C 195 25.56 15.90 3.49
N LEU C 196 24.78 16.11 2.42
CA LEU C 196 24.06 17.37 2.28
C LEU C 196 22.81 17.39 3.16
N ALA C 197 22.08 16.29 3.23
CA ALA C 197 20.88 16.21 4.05
C ALA C 197 20.36 14.79 4.05
N SER C 198 19.49 14.49 5.00
CA SER C 198 18.84 13.19 5.09
C SER C 198 17.48 13.37 5.76
N ALA C 199 16.65 12.34 5.65
CA ALA C 199 15.37 12.33 6.32
C ALA C 199 15.00 10.89 6.64
N GLU C 200 14.39 10.68 7.80
CA GLU C 200 13.95 9.36 8.22
C GLU C 200 12.58 9.46 8.87
N HIS C 201 11.66 8.56 8.50
CA HIS C 201 10.34 8.52 9.10
C HIS C 201 9.89 7.06 9.15
N SER C 202 8.94 6.78 10.04
CA SER C 202 8.45 5.44 10.23
C SER C 202 6.93 5.42 10.32
N ASP C 203 6.34 4.30 9.91
CA ASP C 203 4.90 4.07 10.04
C ASP C 203 4.69 2.61 10.38
N ALA C 204 4.00 2.35 11.50
CA ALA C 204 3.81 0.99 12.01
C ALA C 204 2.39 0.48 11.79
N THR C 205 1.61 1.12 10.93
CA THR C 205 0.24 0.67 10.68
C THR C 205 0.22 -0.81 10.32
N PHE C 206 1.14 -1.26 9.47
CA PHE C 206 1.20 -2.64 9.01
C PHE C 206 2.41 -3.37 9.59
N TYR C 207 2.72 -3.09 10.86
CA TYR C 207 3.85 -3.72 11.52
C TYR C 207 3.76 -5.24 11.48
N GLU C 208 2.55 -5.78 11.67
CA GLU C 208 2.37 -7.22 11.76
CA GLU C 208 2.37 -7.22 11.76
C GLU C 208 2.68 -7.94 10.46
N VAL C 209 2.73 -7.23 9.34
CA VAL C 209 2.90 -7.87 8.03
C VAL C 209 4.15 -8.73 7.99
N ALA C 210 5.29 -8.17 8.41
CA ALA C 210 6.58 -8.83 8.29
C ALA C 210 7.25 -8.84 9.66
N THR C 211 7.43 -10.04 10.23
CA THR C 211 7.91 -10.17 11.59
C THR C 211 8.84 -11.37 11.71
N GLY C 212 9.67 -11.34 12.75
CA GLY C 212 10.40 -12.50 13.19
C GLY C 212 9.67 -13.13 14.35
N ARG C 213 9.25 -14.39 14.17
CA ARG C 213 8.29 -15.01 15.06
C ARG C 213 8.74 -16.43 15.40
N TRP C 214 8.65 -16.79 16.68
CA TRP C 214 8.94 -18.15 17.13
C TRP C 214 7.74 -19.02 16.81
N ARG C 215 7.91 -19.93 15.84
CA ARG C 215 6.79 -20.73 15.35
C ARG C 215 7.33 -22.01 14.73
N LEU C 216 6.41 -22.91 14.41
CA LEU C 216 6.72 -24.09 13.63
C LEU C 216 6.80 -23.74 12.15
N PRO C 217 7.40 -24.61 11.33
CA PRO C 217 7.42 -24.35 9.89
C PRO C 217 6.01 -24.20 9.32
N GLU C 218 5.91 -23.46 8.22
CA GLU C 218 4.62 -23.21 7.61
C GLU C 218 4.03 -24.50 7.02
N ASN C 219 4.85 -25.32 6.37
CA ASN C 219 4.40 -26.57 5.75
C ASN C 219 5.36 -27.68 6.14
N PRO C 220 5.34 -28.10 7.40
CA PRO C 220 6.35 -29.05 7.87
C PRO C 220 6.21 -30.41 7.19
N THR C 221 7.34 -31.10 7.10
CA THR C 221 7.37 -32.46 6.56
C THR C 221 7.09 -33.51 7.63
N GLY C 222 7.54 -33.27 8.86
CA GLY C 222 7.28 -34.20 9.94
C GLY C 222 8.14 -33.98 11.17
N GLU C 223 7.50 -33.84 12.33
CA GLU C 223 8.20 -33.72 13.61
C GLU C 223 9.29 -32.65 13.55
N ALA C 224 8.83 -31.40 13.56
CA ALA C 224 9.72 -30.25 13.54
C ALA C 224 9.61 -29.51 14.86
N LYS C 225 10.70 -28.82 15.22
CA LYS C 225 10.72 -28.01 16.42
C LYS C 225 10.43 -26.55 16.08
N PRO C 226 9.89 -25.78 17.01
CA PRO C 226 9.68 -24.35 16.74
C PRO C 226 11.01 -23.61 16.67
N ARG C 227 11.05 -22.62 15.79
CA ARG C 227 12.24 -21.81 15.56
C ARG C 227 11.84 -20.37 15.30
N LEU C 228 12.81 -19.48 15.42
CA LEU C 228 12.60 -18.10 15.01
C LEU C 228 12.60 -18.01 13.50
N TYR C 229 11.48 -17.61 12.93
CA TYR C 229 11.29 -17.63 11.48
C TYR C 229 10.81 -16.27 10.99
N PHE C 230 11.37 -15.83 9.86
CA PHE C 230 10.79 -14.70 9.15
C PHE C 230 9.39 -15.07 8.69
N SER C 231 8.42 -14.24 9.05
CA SER C 231 7.01 -14.55 8.82
C SER C 231 6.36 -13.43 8.04
N LEU C 232 5.67 -13.79 6.96
CA LEU C 232 4.97 -12.84 6.11
C LEU C 232 3.50 -13.26 6.01
N PHE C 233 2.60 -12.32 6.24
CA PHE C 233 1.18 -12.61 6.11
C PHE C 233 0.85 -13.11 4.72
N SER C 234 -0.27 -13.82 4.61
CA SER C 234 -0.70 -14.36 3.33
C SER C 234 -0.76 -13.27 2.27
N ASP C 235 -1.48 -12.19 2.55
CA ASP C 235 -1.56 -11.03 1.67
C ASP C 235 -0.59 -9.94 2.10
N GLY C 236 0.63 -10.32 2.47
CA GLY C 236 1.57 -9.34 2.99
C GLY C 236 2.13 -8.41 1.93
N GLN C 237 2.44 -8.96 0.75
CA GLN C 237 3.00 -8.11 -0.30
C GLN C 237 2.00 -7.07 -0.78
N ASN C 238 0.70 -7.39 -0.74
CA ASN C 238 -0.31 -6.41 -1.15
C ASN C 238 -0.37 -5.25 -0.16
N LYS C 239 -0.51 -5.57 1.13
CA LYS C 239 -0.44 -4.53 2.15
C LYS C 239 0.87 -3.74 2.06
N MET C 240 1.96 -4.43 1.72
CA MET C 240 3.24 -3.76 1.54
C MET C 240 3.19 -2.81 0.35
N ALA C 241 2.70 -3.28 -0.79
CA ALA C 241 2.65 -2.48 -2.01
C ALA C 241 1.71 -1.29 -1.91
N SER C 242 1.01 -1.11 -0.78
CA SER C 242 0.08 0.01 -0.67
C SER C 242 0.79 1.30 -0.27
N PHE C 243 1.67 1.24 0.73
CA PHE C 243 2.34 2.44 1.21
C PHE C 243 3.84 2.49 0.94
N VAL C 244 4.47 1.35 0.61
CA VAL C 244 5.91 1.35 0.35
C VAL C 244 6.26 2.21 -0.84
N PRO C 245 5.52 2.16 -1.97
CA PRO C 245 5.94 2.95 -3.13
C PRO C 245 5.85 4.45 -2.92
N THR C 246 5.02 4.93 -2.01
CA THR C 246 4.89 6.36 -1.79
C THR C 246 5.83 6.88 -0.71
N ASN C 247 6.13 6.06 0.31
CA ASN C 247 6.84 6.55 1.48
C ASN C 247 8.32 6.79 1.22
N VAL C 248 8.94 6.02 0.32
CA VAL C 248 10.35 6.22 0.04
C VAL C 248 10.51 7.51 -0.76
N PRO C 249 9.70 7.76 -1.79
CA PRO C 249 9.74 9.10 -2.43
C PRO C 249 9.53 10.25 -1.46
N ILE C 250 8.68 10.06 -0.44
CA ILE C 250 8.50 11.11 0.57
C ILE C 250 9.82 11.44 1.24
N ALA C 251 10.56 10.40 1.67
CA ALA C 251 11.85 10.63 2.31
C ALA C 251 12.81 11.33 1.36
N MET C 252 12.94 10.83 0.13
CA MET C 252 13.82 11.48 -0.84
C MET C 252 13.42 12.92 -1.06
N ARG C 253 12.12 13.20 -1.17
CA ARG C 253 11.68 14.58 -1.38
C ARG C 253 12.04 15.45 -0.18
N ARG C 254 11.85 14.93 1.04
CA ARG C 254 12.20 15.70 2.23
C ARG C 254 13.69 15.99 2.29
N ALA C 255 14.52 14.98 1.98
CA ALA C 255 15.97 15.17 2.01
C ALA C 255 16.40 16.21 0.97
N LEU C 256 15.90 16.08 -0.26
CA LEU C 256 16.25 17.05 -1.30
C LEU C 256 15.82 18.45 -0.90
N GLU C 257 14.62 18.59 -0.32
CA GLU C 257 14.16 19.90 0.11
C GLU C 257 15.08 20.49 1.17
N LYS C 258 15.51 19.66 2.13
CA LYS C 258 16.41 20.15 3.16
C LYS C 258 17.76 20.54 2.57
N ALA C 259 18.20 19.85 1.52
CA ALA C 259 19.46 20.19 0.87
C ALA C 259 19.33 21.34 -0.12
N GLY C 260 18.11 21.81 -0.39
CA GLY C 260 17.92 22.88 -1.35
C GLY C 260 18.19 22.46 -2.78
N LEU C 261 17.93 21.20 -3.12
CA LEU C 261 18.18 20.67 -4.45
C LEU C 261 16.91 20.04 -5.01
N GLY C 262 16.94 19.77 -6.31
CA GLY C 262 15.89 19.04 -6.97
C GLY C 262 16.43 17.77 -7.61
N SER C 263 15.51 16.92 -8.07
CA SER C 263 15.92 15.66 -8.69
C SER C 263 16.85 15.89 -9.86
N ASP C 264 16.65 16.99 -10.61
CA ASP C 264 17.51 17.27 -11.76
C ASP C 264 18.95 17.48 -11.34
N ASP C 265 19.18 17.95 -10.11
CA ASP C 265 20.53 18.17 -9.60
C ASP C 265 21.24 16.88 -9.23
N ILE C 266 20.53 15.77 -9.19
CA ILE C 266 21.11 14.50 -8.76
C ILE C 266 21.67 13.76 -9.98
N ASP C 267 22.87 13.22 -9.82
CA ASP C 267 23.55 12.50 -10.89
C ASP C 267 23.18 11.02 -10.93
N TYR C 268 23.05 10.38 -9.77
CA TYR C 268 22.76 8.96 -9.74
C TYR C 268 21.97 8.64 -8.47
N PHE C 269 21.27 7.50 -8.52
CA PHE C 269 20.43 7.04 -7.41
C PHE C 269 20.81 5.62 -7.03
N VAL C 270 20.70 5.33 -5.74
CA VAL C 270 20.97 3.99 -5.20
C VAL C 270 19.79 3.62 -4.31
N PHE C 271 19.07 2.56 -4.69
CA PHE C 271 17.89 2.14 -3.95
C PHE C 271 18.11 0.80 -3.27
N HIS C 272 17.33 0.56 -2.22
CA HIS C 272 17.16 -0.79 -1.73
C HIS C 272 16.57 -1.65 -2.85
N GLN C 273 16.74 -2.96 -2.72
CA GLN C 273 16.46 -3.90 -3.82
C GLN C 273 15.39 -4.92 -3.45
N PRO C 274 14.21 -4.46 -3.00
CA PRO C 274 13.17 -5.44 -2.63
C PRO C 274 12.54 -6.12 -3.82
N ALA C 275 12.29 -5.39 -4.90
CA ALA C 275 11.68 -5.94 -6.10
C ALA C 275 11.81 -4.92 -7.23
N PRO C 276 11.94 -5.36 -8.48
CA PRO C 276 12.13 -4.38 -9.57
C PRO C 276 11.03 -3.33 -9.65
N PHE C 277 9.76 -3.72 -9.50
CA PHE C 277 8.69 -2.74 -9.66
C PHE C 277 8.65 -1.74 -8.52
N LEU C 278 9.05 -2.16 -7.31
CA LEU C 278 9.12 -1.21 -6.21
C LEU C 278 10.21 -0.17 -6.43
N VAL C 279 11.39 -0.63 -6.86
CA VAL C 279 12.47 0.29 -7.19
C VAL C 279 12.04 1.25 -8.30
N LYS C 280 11.37 0.72 -9.32
CA LYS C 280 10.87 1.57 -10.40
C LYS C 280 9.87 2.59 -9.87
N ALA C 281 8.94 2.15 -9.01
CA ALA C 281 7.98 3.08 -8.43
C ALA C 281 8.69 4.17 -7.63
N TRP C 282 9.72 3.80 -6.88
CA TRP C 282 10.51 4.78 -6.15
C TRP C 282 11.18 5.77 -7.09
N ALA C 283 11.82 5.25 -8.14
CA ALA C 283 12.52 6.12 -9.09
C ALA C 283 11.55 7.10 -9.74
N GLU C 284 10.43 6.58 -10.25
CA GLU C 284 9.44 7.45 -10.89
CA GLU C 284 9.44 7.45 -10.88
C GLU C 284 8.82 8.42 -9.89
N GLY C 285 8.68 8.01 -8.63
CA GLY C 285 8.10 8.87 -7.62
C GLY C 285 8.92 10.13 -7.37
N ILE C 286 10.23 10.06 -7.62
CA ILE C 286 11.12 11.19 -7.43
C ILE C 286 11.61 11.79 -8.74
N GLY C 287 11.37 11.13 -9.86
CA GLY C 287 11.80 11.63 -11.15
C GLY C 287 13.09 11.04 -11.68
N ALA C 288 13.55 9.92 -11.13
CA ALA C 288 14.77 9.27 -11.60
C ALA C 288 14.46 8.35 -12.77
N ARG C 289 15.31 8.39 -13.79
CA ARG C 289 15.12 7.61 -14.99
C ARG C 289 15.83 6.26 -14.89
N PRO C 290 15.43 5.28 -15.70
CA PRO C 290 16.03 3.94 -15.59
C PRO C 290 17.55 3.92 -15.71
N GLU C 291 18.14 4.86 -16.45
CA GLU C 291 19.58 4.89 -16.63
C GLU C 291 20.30 5.52 -15.45
N GLN C 292 19.57 5.97 -14.42
CA GLN C 292 20.18 6.65 -13.28
C GLN C 292 20.21 5.76 -12.04
N TYR C 293 20.05 4.45 -12.20
CA TYR C 293 20.13 3.53 -11.06
C TYR C 293 20.24 2.11 -11.60
N GLN C 294 20.59 1.18 -10.71
CA GLN C 294 20.80 -0.21 -11.06
C GLN C 294 19.86 -1.11 -10.26
N LEU C 295 19.60 -2.29 -10.82
CA LEU C 295 18.89 -3.35 -10.13
C LEU C 295 19.86 -4.51 -9.91
N THR C 296 20.09 -4.87 -8.65
CA THR C 296 21.12 -5.84 -8.31
C THR C 296 20.60 -7.05 -7.55
N MET C 297 19.30 -7.16 -7.30
CA MET C 297 18.79 -8.33 -6.60
C MET C 297 18.87 -9.60 -7.43
N GLY C 298 19.13 -9.47 -8.74
CA GLY C 298 19.08 -10.64 -9.61
C GLY C 298 20.14 -11.68 -9.27
N ASP C 299 21.35 -11.23 -8.93
CA ASP C 299 22.46 -12.14 -8.65
C ASP C 299 22.77 -12.29 -7.16
N THR C 300 22.21 -11.44 -6.30
CA THR C 300 22.48 -11.49 -4.87
C THR C 300 21.29 -11.89 -4.02
N GLY C 301 20.07 -11.63 -4.48
CA GLY C 301 18.91 -11.71 -3.62
C GLY C 301 18.77 -10.44 -2.81
N VAL C 302 17.73 -10.40 -1.97
CA VAL C 302 17.45 -9.26 -1.11
C VAL C 302 18.26 -9.45 0.16
N MET C 303 19.38 -8.74 0.27
CA MET C 303 20.30 -8.92 1.41
C MET C 303 20.00 -7.95 2.54
N ILE C 304 18.72 -7.66 2.76
CA ILE C 304 18.29 -6.78 3.85
C ILE C 304 19.10 -5.49 3.77
N SER C 305 19.91 -5.19 4.80
CA SER C 305 20.59 -3.90 4.88
C SER C 305 21.83 -3.81 3.99
N VAL C 306 22.28 -4.94 3.40
CA VAL C 306 23.49 -4.90 2.60
C VAL C 306 23.23 -4.59 1.13
N SER C 307 21.98 -4.70 0.66
CA SER C 307 21.69 -4.44 -0.74
C SER C 307 22.07 -3.01 -1.13
N ILE C 308 21.82 -2.05 -0.26
CA ILE C 308 22.13 -0.66 -0.55
C ILE C 308 23.65 -0.49 -0.72
N PRO C 309 24.46 -0.80 0.30
CA PRO C 309 25.91 -0.64 0.12
C PRO C 309 26.48 -1.44 -1.04
N TYR C 310 25.97 -2.65 -1.27
CA TYR C 310 26.43 -3.44 -2.41
C TYR C 310 26.11 -2.74 -3.73
N THR C 311 24.91 -2.18 -3.85
CA THR C 311 24.56 -1.44 -5.06
C THR C 311 25.43 -0.20 -5.22
N LEU C 312 25.66 0.52 -4.12
CA LEU C 312 26.56 1.68 -4.16
C LEU C 312 27.95 1.26 -4.63
N MET C 313 28.47 0.18 -4.07
CA MET C 313 29.80 -0.29 -4.46
C MET C 313 29.83 -0.66 -5.94
N THR C 314 28.79 -1.35 -6.41
CA THR C 314 28.73 -1.74 -7.82
C THR C 314 28.79 -0.51 -8.73
N GLY C 315 27.95 0.50 -8.41
CA GLY C 315 27.93 1.69 -9.24
C GLY C 315 29.27 2.40 -9.29
N LEU C 316 29.99 2.41 -8.17
CA LEU C 316 31.30 3.08 -8.14
C LEU C 316 32.31 2.36 -9.00
N ARG C 317 32.46 1.04 -8.82
CA ARG C 317 33.50 0.31 -9.54
C ARG C 317 33.19 0.19 -11.02
N GLU C 318 31.93 0.29 -11.41
CA GLU C 318 31.54 0.16 -12.82
C GLU C 318 31.49 1.49 -13.55
N GLY C 319 31.86 2.59 -12.89
CA GLY C 319 31.83 3.90 -13.50
C GLY C 319 30.50 4.60 -13.48
N LYS C 320 29.46 3.96 -12.95
CA LYS C 320 28.15 4.61 -12.88
C LYS C 320 28.19 5.82 -11.95
N ILE C 321 28.82 5.65 -10.78
CA ILE C 321 28.98 6.73 -9.80
C ILE C 321 30.44 7.15 -9.83
N ARG C 322 30.68 8.44 -9.92
CA ARG C 322 32.02 8.98 -10.14
C ARG C 322 32.34 10.06 -9.12
N PRO C 323 33.63 10.39 -8.96
CA PRO C 323 33.99 11.46 -8.04
C PRO C 323 33.30 12.77 -8.41
N GLY C 324 32.81 13.48 -7.39
CA GLY C 324 32.09 14.71 -7.59
C GLY C 324 30.61 14.54 -7.81
N ASP C 325 30.14 13.32 -8.05
CA ASP C 325 28.72 13.10 -8.28
C ASP C 325 27.91 13.37 -7.03
N ARG C 326 26.73 13.97 -7.23
CA ARG C 326 25.74 14.10 -6.17
C ARG C 326 24.70 13.00 -6.35
N ILE C 327 24.53 12.18 -5.32
CA ILE C 327 23.66 11.00 -5.41
C ILE C 327 22.62 11.04 -4.30
N VAL C 328 21.57 10.25 -4.49
CA VAL C 328 20.54 10.02 -3.48
C VAL C 328 20.52 8.52 -3.19
N MET C 329 20.54 8.17 -1.90
CA MET C 329 20.40 6.80 -1.45
C MET C 329 19.14 6.70 -0.60
N ALA C 330 18.24 5.80 -0.98
CA ALA C 330 16.94 5.69 -0.32
C ALA C 330 16.53 4.22 -0.24
N GLY C 331 15.68 3.92 0.74
CA GLY C 331 15.17 2.57 0.88
C GLY C 331 14.07 2.50 1.92
N ALA C 332 13.52 1.30 2.07
CA ALA C 332 12.45 1.02 3.01
C ALA C 332 12.86 -0.16 3.87
N ALA C 333 12.17 -0.31 5.00
CA ALA C 333 12.49 -1.37 5.94
C ALA C 333 11.22 -1.81 6.67
N THR C 334 11.16 -3.09 7.03
CA THR C 334 10.06 -3.59 7.84
C THR C 334 9.97 -2.81 9.13
N GLY C 335 8.78 -2.80 9.73
CA GLY C 335 8.55 -2.00 10.91
C GLY C 335 7.28 -1.17 10.90
N TRP C 336 7.14 -0.20 9.98
CA TRP C 336 8.06 0.03 8.86
C TRP C 336 8.81 1.36 8.99
N GLY C 337 9.88 1.49 8.19
CA GLY C 337 10.71 2.67 8.24
C GLY C 337 11.21 3.03 6.85
N PHE C 338 11.56 4.31 6.70
CA PHE C 338 12.00 4.85 5.42
C PHE C 338 13.10 5.86 5.64
N ALA C 339 14.14 5.80 4.80
CA ALA C 339 15.30 6.67 4.95
C ALA C 339 15.76 7.15 3.58
N ALA C 340 16.30 8.36 3.54
CA ALA C 340 16.85 8.92 2.31
C ALA C 340 18.02 9.83 2.67
N GLN C 341 19.02 9.87 1.79
CA GLN C 341 20.21 10.67 2.01
C GLN C 341 20.67 11.29 0.70
N VAL C 342 21.10 12.55 0.78
CA VAL C 342 21.67 13.27 -0.35
C VAL C 342 23.15 13.45 -0.08
N TRP C 343 24.00 12.91 -0.95
CA TRP C 343 25.43 12.92 -0.76
C TRP C 343 26.12 13.65 -1.91
N GLN C 344 27.04 14.53 -1.58
CA GLN C 344 28.03 15.05 -2.51
C GLN C 344 29.29 14.22 -2.31
N LEU C 345 29.60 13.37 -3.29
CA LEU C 345 30.69 12.42 -3.12
C LEU C 345 32.00 12.97 -3.68
N GLY C 346 33.10 12.61 -3.03
CA GLY C 346 34.42 12.79 -3.55
C GLY C 346 34.96 11.50 -4.14
N GLU C 347 36.22 11.20 -3.87
CA GLU C 347 36.82 9.94 -4.26
C GLU C 347 36.56 8.92 -3.16
N VAL C 348 35.95 7.80 -3.53
CA VAL C 348 35.63 6.72 -2.60
C VAL C 348 36.52 5.53 -2.95
N LEU C 349 37.18 4.97 -1.93
CA LEU C 349 38.07 3.83 -2.13
C LEU C 349 37.24 2.56 -2.10
N VAL C 350 37.16 1.87 -3.24
CA VAL C 350 36.55 0.56 -3.32
C VAL C 350 37.65 -0.48 -3.13
N CYS C 351 37.45 -1.38 -2.18
CA CYS C 351 38.47 -2.39 -1.84
C CYS C 351 37.82 -3.71 -1.47
N MET D 1 20.89 17.25 26.19
CA MET D 1 19.68 16.40 26.38
C MET D 1 18.93 16.82 27.63
N LEU D 2 17.71 17.30 27.44
CA LEU D 2 16.84 17.70 28.53
C LEU D 2 15.78 16.62 28.77
N ILE D 3 15.63 16.20 30.02
CA ILE D 3 14.60 15.24 30.40
C ILE D 3 13.34 16.04 30.72
N GLN D 4 12.33 15.95 29.85
CA GLN D 4 11.07 16.65 30.08
C GLN D 4 10.23 15.94 31.13
N ALA D 5 10.16 14.61 31.06
CA ALA D 5 9.35 13.85 32.00
C ALA D 5 9.83 12.41 32.01
N VAL D 6 9.50 11.72 33.09
CA VAL D 6 9.91 10.33 33.28
C VAL D 6 8.67 9.51 33.62
N GLY D 7 8.53 8.38 32.95
CA GLY D 7 7.48 7.42 33.26
C GLY D 7 8.10 6.07 33.57
N VAL D 8 7.49 5.36 34.52
CA VAL D 8 7.98 4.04 34.92
C VAL D 8 6.78 3.21 35.32
N ASN D 9 6.86 1.91 35.04
CA ASN D 9 5.78 0.99 35.38
C ASN D 9 6.41 -0.38 35.55
N LEU D 10 6.37 -0.89 36.77
CA LEU D 10 6.96 -2.19 37.08
C LEU D 10 5.89 -3.19 37.48
N PRO D 11 6.14 -4.48 37.26
CA PRO D 11 5.21 -5.49 37.77
C PRO D 11 5.23 -5.51 39.29
N PRO D 12 4.11 -5.83 39.92
CA PRO D 12 4.08 -5.90 41.39
C PRO D 12 4.77 -7.12 41.96
N SER D 13 5.13 -8.09 41.11
CA SER D 13 5.69 -9.36 41.54
C SER D 13 7.22 -9.27 41.62
N TYR D 14 7.76 -9.57 42.79
CA TYR D 14 9.20 -9.59 43.00
C TYR D 14 9.67 -11.01 43.27
N VAL D 15 10.84 -11.37 42.74
CA VAL D 15 11.41 -12.70 42.89
C VAL D 15 12.80 -12.57 43.46
N CYS D 16 13.10 -13.35 44.50
CA CYS D 16 14.40 -13.32 45.14
CA CYS D 16 14.40 -13.33 45.15
C CYS D 16 15.24 -14.48 44.63
N LEU D 17 16.47 -14.18 44.23
CA LEU D 17 17.43 -15.17 43.76
C LEU D 17 18.66 -15.09 44.63
N GLU D 18 19.14 -16.24 45.08
CA GLU D 18 20.34 -16.30 45.89
C GLU D 18 21.58 -16.41 45.01
N GLY D 19 22.72 -16.04 45.58
CA GLY D 19 23.98 -16.07 44.87
C GLY D 19 24.68 -14.73 44.93
N PRO D 20 25.98 -14.71 44.62
CA PRO D 20 26.73 -13.45 44.70
C PRO D 20 26.12 -12.34 43.86
N LEU D 21 25.51 -12.68 42.72
CA LEU D 21 24.90 -11.69 41.84
C LEU D 21 23.37 -11.73 41.89
N GLY D 22 22.81 -12.24 42.99
CA GLY D 22 21.38 -12.37 43.14
C GLY D 22 20.75 -11.10 43.72
N GLY D 23 19.52 -11.25 44.15
CA GLY D 23 18.77 -10.15 44.72
C GLY D 23 17.29 -10.34 44.48
N GLU D 24 16.53 -9.35 44.95
CA GLU D 24 15.08 -9.32 44.81
C GLU D 24 14.74 -8.31 43.73
N ARG D 25 14.26 -8.78 42.59
CA ARG D 25 14.02 -7.93 41.44
C ARG D 25 12.60 -8.13 40.93
N PRO D 26 12.02 -7.11 40.30
CA PRO D 26 10.70 -7.30 39.67
C PRO D 26 10.79 -8.37 38.60
N ARG D 27 9.72 -9.15 38.46
CA ARG D 27 9.68 -10.25 37.50
C ARG D 27 8.26 -10.38 37.00
N ALA D 28 8.08 -10.27 35.68
CA ALA D 28 6.77 -10.50 35.09
C ALA D 28 6.37 -11.96 35.29
N GLN D 29 5.08 -12.19 35.46
CA GLN D 29 4.54 -13.51 35.78
C GLN D 29 3.61 -13.97 34.66
N GLY D 30 3.45 -15.29 34.58
CA GLY D 30 2.57 -15.86 33.59
C GLY D 30 2.98 -15.41 32.20
N ASP D 31 1.97 -15.05 31.39
CA ASP D 31 2.18 -14.58 30.03
C ASP D 31 2.05 -13.06 29.92
N GLU D 32 2.29 -12.34 31.00
CA GLU D 32 2.37 -10.88 30.92
C GLU D 32 3.44 -10.48 29.90
N MET D 33 3.20 -9.35 29.23
CA MET D 33 4.06 -8.90 28.15
C MET D 33 4.43 -7.44 28.36
N LEU D 34 5.51 -7.03 27.70
CA LEU D 34 6.12 -5.73 27.98
C LEU D 34 5.17 -4.57 27.71
N MET D 35 4.37 -4.64 26.62
CA MET D 35 3.54 -3.51 26.28
C MET D 35 2.53 -3.18 27.38
N GLN D 36 2.15 -4.17 28.19
CA GLN D 36 1.25 -3.90 29.31
C GLN D 36 1.84 -2.87 30.25
N ARG D 37 3.17 -2.82 30.36
CA ARG D 37 3.85 -1.89 31.24
C ARG D 37 4.42 -0.69 30.49
N LEU D 38 4.86 -0.89 29.24
CA LEU D 38 5.48 0.20 28.50
C LEU D 38 4.48 1.30 28.15
N LEU D 39 3.31 0.91 27.65
CA LEU D 39 2.34 1.92 27.23
C LEU D 39 1.93 2.85 28.36
N PRO D 40 1.49 2.37 29.52
CA PRO D 40 1.14 3.31 30.60
C PRO D 40 2.32 4.15 31.06
N ALA D 41 3.55 3.60 31.02
CA ALA D 41 4.71 4.39 31.36
C ALA D 41 4.93 5.52 30.35
N VAL D 42 4.75 5.21 29.06
CA VAL D 42 4.90 6.24 28.03
C VAL D 42 3.82 7.30 28.17
N ARG D 43 2.56 6.88 28.29
CA ARG D 43 1.48 7.84 28.45
C ARG D 43 1.68 8.71 29.69
N GLU D 44 2.22 8.13 30.76
CA GLU D 44 2.49 8.91 31.96
C GLU D 44 3.45 10.05 31.64
N ALA D 45 4.52 9.77 30.90
CA ALA D 45 5.50 10.79 30.58
C ALA D 45 4.93 11.84 29.63
N LEU D 46 4.17 11.40 28.61
CA LEU D 46 3.59 12.34 27.67
C LEU D 46 2.62 13.30 28.36
N ASP D 47 1.79 12.78 29.26
CA ASP D 47 0.84 13.64 29.97
C ASP D 47 1.55 14.64 30.86
N GLU D 48 2.56 14.19 31.61
CA GLU D 48 3.30 15.09 32.48
C GLU D 48 3.91 16.25 31.70
N ALA D 49 4.40 15.97 30.49
CA ALA D 49 5.03 16.97 29.66
C ALA D 49 4.07 17.67 28.71
N ALA D 50 2.80 17.26 28.68
CA ALA D 50 1.80 17.87 27.79
C ALA D 50 2.25 17.78 26.33
N VAL D 51 2.63 16.58 25.92
CA VAL D 51 3.08 16.31 24.56
C VAL D 51 2.15 15.27 23.94
N LYS D 52 1.63 15.57 22.77
CA LYS D 52 0.76 14.63 22.07
C LYS D 52 1.60 13.59 21.33
N PRO D 53 1.10 12.35 21.21
CA PRO D 53 1.84 11.35 20.43
C PRO D 53 2.15 11.82 19.01
N GLU D 54 1.29 12.67 18.44
CA GLU D 54 1.57 13.20 17.11
C GLU D 54 2.77 14.13 17.10
N GLU D 55 3.21 14.62 18.26
CA GLU D 55 4.34 15.52 18.36
C GLU D 55 5.66 14.80 18.58
N ILE D 56 5.65 13.48 18.65
CA ILE D 56 6.88 12.71 18.88
C ILE D 56 7.65 12.61 17.57
N ASP D 57 8.91 13.06 17.59
CA ASP D 57 9.76 13.05 16.42
C ASP D 57 10.58 11.76 16.29
N LEU D 58 10.85 11.09 17.40
CA LEU D 58 11.79 9.97 17.39
C LEU D 58 11.47 9.03 18.54
N ILE D 59 11.55 7.73 18.27
CA ILE D 59 11.35 6.70 19.27
C ILE D 59 12.51 5.71 19.16
N VAL D 60 13.24 5.52 20.25
CA VAL D 60 14.36 4.59 20.31
C VAL D 60 14.14 3.66 21.48
N GLY D 61 14.25 2.35 21.22
CA GLY D 61 13.94 1.32 22.20
C GLY D 61 15.15 0.53 22.63
N LEU D 62 15.10 0.01 23.85
CA LEU D 62 16.11 -0.91 24.39
C LEU D 62 15.37 -2.03 25.10
N ALA D 63 15.48 -3.25 24.60
CA ALA D 63 14.78 -4.39 25.20
C ALA D 63 15.46 -5.67 24.73
N LEU D 64 15.89 -6.49 25.68
CA LEU D 64 16.54 -7.76 25.35
C LEU D 64 15.56 -8.92 25.23
N SER D 65 14.39 -8.82 25.85
CA SER D 65 13.48 -9.96 25.92
C SER D 65 13.19 -10.50 24.52
N PRO D 66 13.36 -11.81 24.29
CA PRO D 66 13.13 -12.36 22.95
C PRO D 66 11.68 -12.69 22.65
N ASP D 67 10.78 -12.55 23.62
CA ASP D 67 9.36 -12.78 23.42
C ASP D 67 8.62 -12.02 24.53
N HIS D 68 7.31 -12.25 24.62
CA HIS D 68 6.48 -11.55 25.62
C HIS D 68 6.61 -10.03 25.50
N LEU D 69 6.69 -9.55 24.25
CA LEU D 69 6.78 -8.11 24.01
C LEU D 69 5.43 -7.45 23.80
N ILE D 70 4.56 -8.08 22.99
CA ILE D 70 3.26 -7.53 22.62
C ILE D 70 2.22 -8.63 22.71
N GLU D 71 0.97 -8.27 22.39
CA GLU D 71 -0.15 -9.21 22.55
C GLU D 71 0.18 -10.57 21.95
N ASN D 72 0.80 -10.59 20.78
CA ASN D 72 1.29 -11.86 20.23
C ASN D 72 2.60 -12.13 20.95
N ARG D 73 2.58 -13.06 21.91
CA ARG D 73 3.75 -13.28 22.76
C ARG D 73 4.92 -13.89 22.00
N ASP D 74 4.69 -14.47 20.83
CA ASP D 74 5.73 -15.17 20.09
CA ASP D 74 5.75 -15.17 20.10
C ASP D 74 6.50 -14.27 19.14
N ILE D 75 6.12 -13.00 19.01
CA ILE D 75 6.80 -12.09 18.11
C ILE D 75 8.03 -11.52 18.80
N MET D 76 9.17 -11.56 18.12
CA MET D 76 10.42 -11.01 18.62
C MET D 76 10.86 -9.75 17.87
N ALA D 77 10.53 -9.63 16.59
CA ALA D 77 10.98 -8.51 15.78
C ALA D 77 9.95 -8.24 14.68
N PRO D 78 9.88 -7.00 14.17
CA PRO D 78 10.58 -5.78 14.55
C PRO D 78 10.39 -5.39 16.02
N LYS D 79 11.40 -4.73 16.57
CA LYS D 79 11.52 -4.51 18.00
C LYS D 79 10.48 -3.50 18.50
N ILE D 80 10.40 -3.39 19.82
CA ILE D 80 9.25 -2.82 20.54
C ILE D 80 8.94 -1.39 20.12
N GLY D 81 9.90 -0.65 19.61
CA GLY D 81 9.65 0.73 19.21
C GLY D 81 8.53 0.83 18.19
N HIS D 82 8.45 -0.14 17.27
CA HIS D 82 7.46 -0.04 16.20
C HIS D 82 6.04 -0.30 16.70
N PRO D 83 5.75 -1.40 17.41
CA PRO D 83 4.39 -1.57 17.94
C PRO D 83 3.97 -0.45 18.86
N LEU D 84 4.94 0.22 19.52
CA LEU D 84 4.61 1.37 20.36
C LEU D 84 4.08 2.52 19.51
N GLN D 85 4.78 2.83 18.42
CA GLN D 85 4.27 3.84 17.50
C GLN D 85 2.87 3.48 17.02
N LYS D 86 2.64 2.20 16.73
CA LYS D 86 1.35 1.76 16.21
C LYS D 86 0.23 2.06 17.19
N VAL D 87 0.43 1.72 18.47
CA VAL D 87 -0.63 1.92 19.45
C VAL D 87 -0.74 3.38 19.87
N LEU D 88 0.38 4.11 19.90
CA LEU D 88 0.34 5.51 20.27
C LEU D 88 -0.29 6.37 19.19
N GLY D 89 -0.07 6.03 17.92
CA GLY D 89 -0.42 6.93 16.85
C GLY D 89 0.62 8.00 16.58
N ALA D 90 1.88 7.74 16.94
CA ALA D 90 2.95 8.70 16.69
C ALA D 90 3.35 8.63 15.21
N ASN D 91 2.44 9.13 14.37
CA ASN D 91 2.56 9.00 12.92
C ASN D 91 3.67 9.88 12.32
N ARG D 92 4.17 10.86 13.07
CA ARG D 92 5.25 11.71 12.57
C ARG D 92 6.63 11.27 13.06
N ALA D 93 6.72 10.12 13.73
CA ALA D 93 7.95 9.70 14.39
C ALA D 93 8.77 8.75 13.51
N HIS D 94 10.08 8.81 13.72
CA HIS D 94 11.02 7.83 13.20
C HIS D 94 11.37 6.88 14.35
N VAL D 95 11.64 5.61 14.01
CA VAL D 95 11.77 4.55 15.01
C VAL D 95 13.00 3.70 14.69
N PHE D 96 13.80 3.41 15.70
CA PHE D 96 14.83 2.37 15.58
C PHE D 96 15.19 1.89 16.98
N ASP D 97 16.13 0.94 17.02
CA ASP D 97 16.50 0.22 18.24
C ASP D 97 18.02 0.17 18.36
N LEU D 98 18.53 0.27 19.59
CA LEU D 98 19.96 0.20 19.84
C LEU D 98 20.35 -1.06 20.62
N THR D 99 19.54 -2.11 20.52
CA THR D 99 19.87 -3.46 20.99
C THR D 99 20.45 -3.45 22.40
N ASP D 100 21.69 -3.91 22.55
CA ASP D 100 22.28 -4.13 23.86
C ASP D 100 23.06 -2.93 24.39
N SER D 101 22.76 -1.73 23.90
CA SER D 101 23.41 -0.54 24.40
C SER D 101 22.93 -0.22 25.81
N SER D 102 23.79 0.44 26.57
CA SER D 102 23.36 0.98 27.85
C SER D 102 22.49 2.20 27.61
N LEU D 103 21.71 2.57 28.64
CA LEU D 103 20.85 3.73 28.52
C LEU D 103 21.66 5.00 28.31
N ALA D 104 22.73 5.18 29.09
CA ALA D 104 23.55 6.37 28.97
C ALA D 104 24.12 6.52 27.57
N ARG D 105 24.62 5.42 27.00
CA ARG D 105 25.18 5.50 25.65
C ARG D 105 24.10 5.81 24.63
N ALA D 106 22.89 5.25 24.82
CA ALA D 106 21.80 5.52 23.89
C ALA D 106 21.37 6.99 23.96
N LEU D 107 21.32 7.56 25.17
CA LEU D 107 20.94 8.96 25.30
C LEU D 107 21.94 9.88 24.64
N TYR D 108 23.24 9.54 24.72
CA TYR D 108 24.26 10.35 24.08
C TYR D 108 24.11 10.30 22.56
N VAL D 109 24.00 9.09 22.00
CA VAL D 109 23.85 8.94 20.56
C VAL D 109 22.56 9.61 20.08
N VAL D 110 21.46 9.37 20.79
CA VAL D 110 20.18 9.95 20.40
C VAL D 110 20.24 11.47 20.46
N ASP D 111 20.86 12.01 21.52
CA ASP D 111 20.98 13.47 21.63
C ASP D 111 21.78 14.03 20.45
N THR D 112 22.81 13.32 20.02
CA THR D 112 23.61 13.76 18.89
C THR D 112 22.81 13.74 17.58
N LEU D 113 22.13 12.62 17.30
CA LEU D 113 21.34 12.52 16.08
C LEU D 113 20.17 13.49 16.10
N ALA D 114 19.38 13.48 17.19
CA ALA D 114 18.15 14.24 17.23
C ALA D 114 18.41 15.74 17.19
N SER D 115 19.41 16.22 17.93
CA SER D 115 19.74 17.65 17.89
C SER D 115 20.23 18.04 16.50
N ASP D 116 20.97 17.14 15.85
CA ASP D 116 21.47 17.42 14.51
C ASP D 116 20.37 17.37 13.46
N GLN D 117 19.26 16.69 13.75
CA GLN D 117 18.09 16.70 12.87
C GLN D 117 17.06 17.75 13.25
N GLY D 118 17.25 18.45 14.37
CA GLY D 118 16.31 19.47 14.78
C GLY D 118 15.06 18.96 15.48
N TYR D 119 15.07 17.71 15.93
CA TYR D 119 13.93 17.17 16.66
C TYR D 119 13.77 17.88 17.99
N ARG D 120 12.53 17.94 18.46
CA ARG D 120 12.22 18.58 19.74
C ARG D 120 11.64 17.64 20.79
N ASN D 121 10.96 16.58 20.37
CA ASN D 121 10.32 15.63 21.30
C ASN D 121 10.79 14.23 20.94
N VAL D 122 11.70 13.68 21.75
CA VAL D 122 12.28 12.37 21.51
C VAL D 122 11.93 11.46 22.68
N LEU D 123 11.65 10.19 22.38
CA LEU D 123 11.22 9.21 23.36
C LEU D 123 12.20 8.06 23.35
N VAL D 124 12.91 7.87 24.47
CA VAL D 124 13.81 6.75 24.68
C VAL D 124 13.18 5.84 25.73
N VAL D 125 12.96 4.57 25.39
CA VAL D 125 12.27 3.63 26.27
C VAL D 125 13.15 2.43 26.54
N ARG D 126 13.04 1.90 27.76
CA ARG D 126 13.77 0.73 28.22
C ARG D 126 12.77 -0.20 28.87
N GLY D 127 12.77 -1.48 28.48
CA GLY D 127 11.78 -2.40 28.98
C GLY D 127 12.25 -3.83 28.92
N GLU D 128 11.68 -4.66 29.80
CA GLU D 128 11.97 -6.09 29.82
C GLU D 128 10.73 -6.85 30.28
N SER D 129 10.50 -8.01 29.65
CA SER D 129 9.53 -9.00 30.11
C SER D 129 10.18 -10.35 29.78
N SER D 130 11.06 -10.78 30.68
CA SER D 130 12.07 -11.79 30.37
C SER D 130 11.63 -13.21 30.69
N GLN D 131 10.34 -13.54 30.55
CA GLN D 131 9.93 -14.93 30.75
C GLN D 131 10.66 -15.87 29.80
N GLY D 132 10.98 -15.39 28.60
CA GLY D 132 11.67 -16.20 27.61
C GLY D 132 13.16 -16.33 27.80
N LEU D 133 13.68 -15.93 28.95
CA LEU D 133 15.10 -16.05 29.27
C LEU D 133 15.23 -16.75 30.62
N GLU D 134 16.02 -17.83 30.65
CA GLU D 134 16.30 -18.51 31.90
C GLU D 134 17.32 -17.72 32.71
N VAL D 135 17.03 -17.51 33.99
CA VAL D 135 17.96 -16.78 34.86
C VAL D 135 19.20 -17.64 35.09
N ASP D 136 20.26 -17.01 35.59
CA ASP D 136 21.48 -17.71 35.96
C ASP D 136 21.33 -18.16 37.40
N SER D 137 20.97 -19.43 37.58
CA SER D 137 20.75 -19.96 38.93
C SER D 137 22.05 -20.15 39.70
N GLU D 138 23.18 -20.29 39.01
CA GLU D 138 24.45 -20.46 39.70
C GLU D 138 24.90 -19.17 40.37
N SER D 139 24.90 -18.07 39.63
CA SER D 139 25.29 -16.78 40.18
C SER D 139 24.12 -16.01 40.76
N GLY D 140 22.89 -16.33 40.37
CA GLY D 140 21.72 -15.60 40.80
C GLY D 140 21.40 -14.39 39.97
N PHE D 141 22.10 -14.17 38.86
CA PHE D 141 21.84 -12.99 38.04
C PHE D 141 20.54 -13.14 37.27
N ALA D 142 19.78 -12.05 37.24
CA ALA D 142 18.54 -11.99 36.48
C ALA D 142 18.30 -10.54 36.08
N LEU D 143 17.56 -10.37 34.99
CA LEU D 143 17.15 -9.05 34.55
C LEU D 143 15.94 -8.60 35.34
N ALA D 144 15.91 -7.31 35.69
CA ALA D 144 14.71 -6.72 36.25
C ALA D 144 13.69 -6.44 35.15
N ASP D 145 12.43 -6.79 35.41
CA ASP D 145 11.36 -6.57 34.46
C ASP D 145 10.65 -5.25 34.75
N GLY D 146 10.07 -4.66 33.71
CA GLY D 146 9.36 -3.41 33.81
C GLY D 146 9.62 -2.56 32.59
N ALA D 147 9.21 -1.28 32.69
CA ALA D 147 9.35 -0.36 31.58
C ALA D 147 9.69 1.03 32.10
N LEU D 148 10.62 1.70 31.41
CA LEU D 148 11.03 3.06 31.73
C LEU D 148 10.92 3.91 30.46
N ALA D 149 10.31 5.08 30.59
CA ALA D 149 10.11 5.99 29.45
C ALA D 149 10.68 7.36 29.79
N LEU D 150 11.59 7.84 28.95
CA LEU D 150 12.19 9.17 29.10
C LEU D 150 11.79 10.02 27.91
N LEU D 151 10.99 11.05 28.15
CA LEU D 151 10.63 12.00 27.11
C LEU D 151 11.64 13.14 27.15
N CYS D 152 12.39 13.30 26.06
CA CYS D 152 13.53 14.19 26.04
C CYS D 152 13.36 15.27 24.96
N ARG D 153 14.11 16.35 25.15
CA ARG D 153 14.30 17.36 24.12
C ARG D 153 15.80 17.47 23.86
N PRO D 154 16.28 17.13 22.66
CA PRO D 154 17.73 17.14 22.44
C PRO D 154 18.30 18.55 22.48
N THR D 155 19.56 18.63 22.88
CA THR D 155 20.31 19.87 22.85
C THR D 155 21.66 19.76 22.16
N GLY D 156 22.24 18.56 22.08
CA GLY D 156 23.57 18.40 21.52
C GLY D 156 24.68 18.69 22.49
N LYS D 157 24.37 19.09 23.72
CA LYS D 157 25.36 19.46 24.72
C LYS D 157 25.57 18.39 25.78
N ALA D 158 25.02 17.20 25.59
CA ALA D 158 25.25 16.12 26.53
C ALA D 158 26.67 15.59 26.40
N ALA D 159 27.38 15.55 27.52
CA ALA D 159 28.71 14.97 27.58
C ALA D 159 28.61 13.50 27.96
N PHE D 160 29.61 12.72 27.55
CA PHE D 160 29.57 11.27 27.71
C PHE D 160 30.93 10.74 28.09
N ARG D 161 30.95 9.71 28.94
CA ARG D 161 32.18 9.07 29.37
C ARG D 161 31.96 7.57 29.45
N ARG D 162 33.03 6.81 29.17
CA ARG D 162 33.02 5.36 29.23
C ARG D 162 34.20 4.94 30.09
N GLY D 163 33.93 4.34 31.24
CA GLY D 163 34.96 4.05 32.20
C GLY D 163 34.99 2.59 32.61
N ALA D 164 36.15 2.17 33.11
CA ALA D 164 36.35 0.80 33.54
C ALA D 164 35.72 0.59 34.91
N LEU D 165 35.53 -0.69 35.26
CA LEU D 165 35.02 -1.02 36.58
C LEU D 165 36.12 -0.86 37.62
N GLY D 166 35.69 -0.82 38.88
CA GLY D 166 36.61 -0.74 39.99
C GLY D 166 37.18 -2.09 40.33
N GLY D 167 37.63 -2.22 41.59
CA GLY D 167 38.26 -3.44 42.03
C GLY D 167 39.68 -3.54 41.53
N ASP D 168 40.23 -4.74 41.61
CA ASP D 168 41.58 -4.98 41.11
C ASP D 168 41.58 -4.76 39.61
N PRO D 169 42.34 -3.79 39.08
CA PRO D 169 42.33 -3.56 37.63
C PRO D 169 42.90 -4.70 36.82
N ALA D 170 43.66 -5.60 37.45
CA ALA D 170 44.21 -6.76 36.75
C ALA D 170 43.23 -7.92 36.62
N GLN D 171 42.08 -7.84 37.28
CA GLN D 171 41.10 -8.92 37.21
C GLN D 171 40.31 -8.82 35.92
N GLU D 172 40.16 -9.96 35.24
CA GLU D 172 39.40 -10.03 33.99
C GLU D 172 37.97 -10.39 34.34
N TRP D 173 37.07 -9.40 34.25
CA TRP D 173 35.66 -9.63 34.53
C TRP D 173 35.01 -10.43 33.41
N LEU D 174 34.29 -11.48 33.79
CA LEU D 174 33.60 -12.32 32.80
C LEU D 174 32.26 -11.69 32.45
N PRO D 175 32.00 -11.38 31.18
CA PRO D 175 30.81 -10.59 30.83
C PRO D 175 29.55 -11.44 30.79
N LEU D 176 28.42 -10.73 30.71
CA LEU D 176 27.14 -11.38 30.48
C LEU D 176 27.06 -11.85 29.03
N SER D 177 26.52 -13.05 28.84
CA SER D 177 26.17 -13.55 27.52
C SER D 177 24.80 -14.20 27.61
N ILE D 178 24.11 -14.26 26.47
CA ILE D 178 22.80 -14.89 26.40
C ILE D 178 22.81 -15.92 25.29
N PRO D 179 23.33 -17.12 25.54
CA PRO D 179 23.33 -18.15 24.49
C PRO D 179 21.91 -18.53 24.08
N LEU D 180 21.78 -18.95 22.83
CA LEU D 180 20.51 -19.44 22.32
C LEU D 180 20.21 -20.81 22.92
N ASN D 181 18.93 -21.05 23.22
CA ASN D 181 18.50 -22.36 23.68
C ASN D 181 18.54 -23.35 22.52
N THR D 182 19.39 -24.35 22.62
CA THR D 182 19.59 -25.32 21.54
C THR D 182 18.57 -26.46 21.55
N ASP D 183 17.65 -26.48 22.51
CA ASP D 183 16.67 -27.57 22.63
C ASP D 183 15.28 -26.98 22.88
N ILE D 184 14.84 -26.14 21.94
CA ILE D 184 13.51 -25.55 22.00
C ILE D 184 12.52 -26.57 21.44
N ARG D 185 11.62 -27.04 22.29
CA ARG D 185 10.65 -28.06 21.93
C ARG D 185 9.24 -27.51 21.80
N GLN D 186 8.92 -26.44 22.52
CA GLN D 186 7.62 -25.81 22.45
C GLN D 186 7.80 -24.30 22.34
N VAL D 187 6.75 -23.62 21.88
CA VAL D 187 6.82 -22.18 21.69
C VAL D 187 7.03 -21.46 23.01
N GLY D 188 6.47 -21.99 24.10
CA GLY D 188 6.57 -21.36 25.39
C GLY D 188 7.92 -21.49 26.06
N ASP D 189 8.75 -22.42 25.62
CA ASP D 189 10.06 -22.64 26.23
C ASP D 189 10.90 -21.37 26.14
N VAL D 190 11.86 -21.26 27.08
CA VAL D 190 12.76 -20.12 27.04
C VAL D 190 13.53 -20.15 25.72
N LYS D 191 13.86 -18.97 25.22
CA LYS D 191 14.60 -18.84 23.97
C LYS D 191 16.10 -18.75 24.19
N GLY D 192 16.53 -18.36 25.39
CA GLY D 192 17.94 -18.22 25.70
C GLY D 192 18.16 -18.31 27.19
N HIS D 193 19.43 -18.29 27.58
CA HIS D 193 19.82 -18.45 28.97
C HIS D 193 20.74 -17.30 29.37
N LEU D 194 20.45 -16.69 30.52
CA LEU D 194 21.35 -15.68 31.06
C LEU D 194 22.59 -16.35 31.64
N ASN D 195 23.76 -15.88 31.21
CA ASN D 195 25.03 -16.45 31.67
C ASN D 195 25.93 -15.30 32.15
N LEU D 196 26.05 -15.17 33.46
CA LEU D 196 26.97 -14.20 34.07
C LEU D 196 27.67 -14.91 35.22
N PRO D 197 28.90 -15.39 35.01
CA PRO D 197 29.54 -16.24 36.03
C PRO D 197 29.59 -15.56 37.40
N ALA D 198 29.48 -16.38 38.44
CA ALA D 198 29.47 -15.89 39.82
C ALA D 198 30.77 -15.16 40.13
N GLN D 199 30.65 -13.86 40.44
CA GLN D 199 31.80 -13.01 40.72
C GLN D 199 31.46 -12.12 41.90
N PRO D 200 31.79 -12.55 43.13
CA PRO D 200 31.30 -11.80 44.31
C PRO D 200 31.81 -10.38 44.39
N GLY D 201 32.96 -10.07 43.80
CA GLY D 201 33.45 -8.70 43.81
C GLY D 201 32.86 -7.79 42.75
N LEU D 202 31.95 -8.30 41.91
CA LEU D 202 31.46 -7.50 40.78
C LEU D 202 30.53 -6.39 41.24
N PRO D 203 29.55 -6.62 42.14
CA PRO D 203 28.66 -5.52 42.50
C PRO D 203 29.37 -4.30 43.03
N GLU D 204 30.36 -4.47 43.91
CA GLU D 204 31.11 -3.32 44.41
C GLU D 204 32.00 -2.71 43.34
N ALA D 205 32.58 -3.54 42.47
CA ALA D 205 33.42 -3.02 41.40
C ALA D 205 32.65 -2.08 40.49
N VAL D 206 31.38 -2.42 40.21
CA VAL D 206 30.56 -1.55 39.38
C VAL D 206 30.33 -0.21 40.06
N ARG D 207 29.96 -0.25 41.35
CA ARG D 207 29.69 0.99 42.08
C ARG D 207 30.94 1.84 42.20
N ALA D 208 32.11 1.20 42.33
CA ALA D 208 33.36 1.96 42.31
C ALA D 208 33.62 2.59 40.95
N GLY D 209 33.21 1.91 39.87
CA GLY D 209 33.27 2.53 38.57
C GLY D 209 32.38 3.75 38.47
N PHE D 210 31.16 3.66 38.99
CA PHE D 210 30.27 4.81 39.04
C PHE D 210 30.94 6.00 39.71
N THR D 211 31.51 5.76 40.91
CA THR D 211 32.09 6.86 41.68
C THR D 211 33.23 7.52 40.94
N ARG D 212 34.13 6.73 40.35
CA ARG D 212 35.27 7.31 39.64
C ARG D 212 34.79 8.11 38.43
N LEU D 213 33.82 7.58 37.68
CA LEU D 213 33.34 8.29 36.49
C LEU D 213 32.69 9.62 36.87
N ALA D 214 31.92 9.62 37.96
CA ALA D 214 31.32 10.86 38.44
C ALA D 214 32.39 11.91 38.74
N GLY D 215 33.61 11.48 39.04
CA GLY D 215 34.70 12.41 39.26
C GLY D 215 35.02 13.27 38.05
N ASP D 216 34.65 12.83 36.85
CA ASP D 216 34.85 13.66 35.67
C ASP D 216 33.86 14.81 35.60
N PHE D 217 32.82 14.80 36.44
CA PHE D 217 31.84 15.88 36.51
C PHE D 217 31.62 16.22 37.98
N PRO D 218 32.64 16.78 38.65
CA PRO D 218 32.48 17.10 40.08
C PRO D 218 31.34 18.06 40.38
N GLN D 219 30.97 18.90 39.43
CA GLN D 219 29.96 19.93 39.66
C GLN D 219 28.54 19.39 39.59
N LEU D 220 28.33 18.12 39.26
CA LEU D 220 27.00 17.57 39.07
C LEU D 220 26.70 16.45 40.05
N ASN D 221 25.46 16.42 40.53
CA ASN D 221 24.95 15.23 41.20
C ASN D 221 24.72 14.14 40.16
N TRP D 222 24.88 12.88 40.58
CA TRP D 222 24.74 11.76 39.67
C TRP D 222 23.62 10.83 40.13
N VAL D 223 23.03 10.13 39.17
CA VAL D 223 22.14 9.01 39.45
C VAL D 223 22.71 7.77 38.76
N ARG D 224 22.29 6.60 39.26
CA ARG D 224 22.97 5.35 38.97
C ARG D 224 21.96 4.23 38.77
N GLU D 225 22.32 3.28 37.91
CA GLU D 225 21.61 2.01 37.85
C GLU D 225 22.17 1.07 38.91
N GLU D 226 21.32 0.18 39.40
CA GLU D 226 21.74 -0.83 40.38
C GLU D 226 21.21 -2.18 39.94
N TRP D 227 22.10 -3.04 39.45
CA TRP D 227 21.73 -4.32 38.86
C TRP D 227 21.82 -5.48 39.86
N PHE D 228 22.39 -5.26 41.04
CA PHE D 228 22.64 -6.34 41.99
C PHE D 228 22.09 -5.97 43.36
N GLY D 229 21.66 -6.99 44.09
CA GLY D 229 21.07 -6.78 45.40
C GLY D 229 22.08 -6.75 46.53
N GLN D 230 23.29 -7.23 46.26
CA GLN D 230 24.34 -7.25 47.28
C GLN D 230 24.55 -5.86 47.86
N GLY D 231 24.58 -5.77 49.19
CA GLY D 231 24.78 -4.51 49.86
C GLY D 231 23.63 -3.54 49.79
N ARG D 232 22.52 -3.91 49.13
CA ARG D 232 21.35 -3.05 49.01
C ARG D 232 20.33 -3.39 50.10
N PRO D 233 19.48 -2.43 50.46
CA PRO D 233 18.46 -2.71 51.50
C PRO D 233 17.48 -3.77 51.03
N ASP D 234 17.33 -4.81 51.86
CA ASP D 234 16.46 -5.96 51.58
C ASP D 234 16.92 -6.74 50.36
N GLY D 235 18.13 -6.49 49.86
CA GLY D 235 18.63 -7.16 48.69
C GLY D 235 17.85 -6.82 47.43
N ARG D 236 17.03 -5.78 47.49
CA ARG D 236 16.18 -5.40 46.37
C ARG D 236 16.91 -4.42 45.45
N CYS D 237 16.76 -4.64 44.15
CA CYS D 237 17.30 -3.73 43.15
C CYS D 237 16.42 -3.80 41.91
N LEU D 238 16.39 -2.71 41.16
CA LEU D 238 15.49 -2.57 40.01
C LEU D 238 16.24 -2.42 38.70
N GLY D 239 17.54 -2.72 38.67
CA GLY D 239 18.32 -2.59 37.47
C GLY D 239 18.29 -1.16 36.96
N PRO D 240 18.18 -1.00 35.64
CA PRO D 240 18.10 0.37 35.09
C PRO D 240 16.89 1.14 35.59
N PHE D 241 15.85 0.45 36.08
CA PHE D 241 14.64 1.11 36.52
C PHE D 241 14.82 1.85 37.84
N GLU D 242 15.97 1.68 38.51
CA GLU D 242 16.28 2.49 39.68
C GLU D 242 16.34 3.98 39.34
N LEU D 243 16.61 4.33 38.08
CA LEU D 243 16.77 5.72 37.70
C LEU D 243 15.50 6.52 37.93
N ALA D 244 14.34 5.87 37.87
CA ALA D 244 13.08 6.59 37.94
C ALA D 244 12.96 7.37 39.25
N SER D 245 13.08 6.68 40.39
CA SER D 245 12.92 7.33 41.68
C SER D 245 13.98 8.42 41.89
N GLN D 246 15.21 8.16 41.46
CA GLN D 246 16.28 9.13 41.66
C GLN D 246 16.04 10.39 40.82
N LEU D 247 15.57 10.22 39.58
CA LEU D 247 15.31 11.38 38.72
C LEU D 247 14.17 12.21 39.28
N ARG D 248 13.12 11.56 39.81
CA ARG D 248 12.02 12.33 40.39
C ARG D 248 12.44 13.00 41.70
N ALA D 249 13.33 12.35 42.46
CA ALA D 249 13.89 13.01 43.64
C ALA D 249 14.73 14.21 43.24
N ALA D 250 15.38 14.15 42.07
CA ALA D 250 16.15 15.29 41.60
C ALA D 250 15.23 16.44 41.18
N GLN D 251 14.05 16.11 40.62
CA GLN D 251 13.09 17.16 40.29
C GLN D 251 12.55 17.81 41.55
N ARG D 252 12.34 17.03 42.62
CA ARG D 252 11.90 17.60 43.88
C ARG D 252 12.96 18.54 44.46
N ASP D 253 14.23 18.20 44.29
CA ASP D 253 15.32 19.04 44.77
C ASP D 253 15.61 20.21 43.85
N ARG D 254 14.82 20.41 42.79
CA ARG D 254 14.95 21.56 41.91
C ARG D 254 16.31 21.58 41.21
N LEU D 255 16.80 20.41 40.83
CA LEU D 255 18.05 20.30 40.10
C LEU D 255 17.81 20.52 38.61
N ASP D 256 18.66 21.33 37.99
CA ASP D 256 18.55 21.61 36.56
C ASP D 256 19.46 20.74 35.70
N GLU D 257 20.45 20.07 36.30
CA GLU D 257 21.39 19.25 35.56
C GLU D 257 21.87 18.13 36.46
N LEU D 258 22.22 17.00 35.85
CA LEU D 258 22.70 15.85 36.59
C LEU D 258 23.51 14.96 35.66
N LEU D 259 24.10 13.92 36.24
CA LEU D 259 24.83 12.89 35.51
C LEU D 259 24.13 11.56 35.70
N LEU D 260 23.77 10.92 34.59
CA LEU D 260 23.17 9.59 34.61
C LEU D 260 24.22 8.55 34.24
N ILE D 261 24.36 7.53 35.08
CA ILE D 261 25.41 6.52 34.91
C ILE D 261 24.77 5.14 34.81
N SER D 262 25.11 4.42 33.75
CA SER D 262 24.62 3.07 33.50
C SER D 262 25.74 2.06 33.70
N PHE D 263 25.34 0.80 33.88
CA PHE D 263 26.26 -0.33 33.90
C PHE D 263 25.96 -1.22 32.69
N ASP D 264 27.00 -1.54 31.93
CA ASP D 264 26.86 -2.41 30.76
C ASP D 264 27.43 -3.78 31.07
N PRO D 265 26.60 -4.79 31.36
CA PRO D 265 27.13 -6.12 31.68
C PRO D 265 27.73 -6.85 30.48
N PHE D 266 27.46 -6.41 29.26
CA PHE D 266 28.04 -7.08 28.09
C PHE D 266 29.48 -6.65 27.85
N GLY D 267 29.76 -5.35 27.97
CA GLY D 267 31.12 -4.86 27.89
C GLY D 267 31.86 -4.79 29.20
N MET D 268 31.14 -4.98 30.31
CA MET D 268 31.70 -4.87 31.65
C MET D 268 32.41 -3.52 31.83
N VAL D 269 31.63 -2.47 31.60
CA VAL D 269 32.07 -1.09 31.79
C VAL D 269 30.91 -0.30 32.36
N VAL D 270 31.20 0.93 32.77
CA VAL D 270 30.19 1.87 33.19
C VAL D 270 30.21 3.05 32.23
N GLU D 271 29.03 3.62 31.98
CA GLU D 271 28.88 4.69 30.99
C GLU D 271 27.98 5.76 31.56
N GLY D 272 28.40 7.01 31.41
CA GLY D 272 27.66 8.13 31.96
C GLY D 272 27.40 9.20 30.92
N VAL D 273 26.29 9.91 31.11
CA VAL D 273 25.87 10.99 30.23
C VAL D 273 25.33 12.13 31.07
N THR D 274 25.71 13.36 30.74
CA THR D 274 25.23 14.53 31.45
C THR D 274 23.92 14.99 30.82
N LEU D 275 23.01 15.47 31.66
CA LEU D 275 21.66 15.79 31.22
C LEU D 275 21.16 17.05 31.92
N GLU D 276 20.18 17.69 31.29
CA GLU D 276 19.39 18.72 31.92
C GLU D 276 18.07 18.12 32.37
N LEU D 277 17.47 18.69 33.41
CA LEU D 277 16.27 18.15 34.01
C LEU D 277 15.23 19.25 34.14
N ALA D 278 14.02 18.98 33.64
CA ALA D 278 12.93 19.93 33.74
C ALA D 278 12.37 19.95 35.16
N GLY D 279 11.80 21.09 35.54
CA GLY D 279 11.21 21.20 36.86
C GLY D 279 9.90 20.45 36.95
N GLU D 280 9.66 19.85 38.11
CA GLU D 280 8.41 19.13 38.33
C GLU D 280 7.22 20.09 38.19
N ALA D 281 6.12 19.56 37.67
CA ALA D 281 4.91 20.35 37.48
C ALA D 281 4.07 20.37 38.75
S SO4 E . -10.53 22.10 4.35
O1 SO4 E . -11.95 21.97 4.07
O2 SO4 E . -9.88 20.80 4.18
O3 SO4 E . -10.34 22.56 5.72
O4 SO4 E . -9.94 23.07 3.43
O6 BU3 F . -11.07 17.25 -24.06
C3 BU3 F . -9.86 16.86 -24.64
C4 BU3 F . -9.46 17.91 -25.67
C2 BU3 F . -10.05 15.49 -25.30
O5 BU3 F . -9.92 14.50 -24.32
C1 BU3 F . -8.99 15.25 -26.38
HO6 BU3 F . -11.24 16.74 -23.39
H3 BU3 F . -9.15 16.79 -23.97
H41 BU3 F . -9.67 18.80 -25.33
H42 BU3 F . -8.51 17.86 -25.84
H43 BU3 F . -9.94 17.76 -26.50
H2 BU3 F . -10.92 15.47 -25.71
HO5 BU3 F . -10.19 13.76 -24.64
H11 BU3 F . -8.15 15.64 -26.11
H12 BU3 F . -8.88 14.30 -26.52
H13 BU3 F . -9.28 15.66 -27.21
S SO4 G . -14.89 -25.84 -29.46
O1 SO4 G . -15.27 -24.60 -30.11
O2 SO4 G . -15.31 -26.98 -30.26
O3 SO4 G . -15.54 -25.92 -28.14
O4 SO4 G . -13.43 -25.87 -29.29
S SO4 H . -31.11 -13.30 -40.11
O1 SO4 H . -32.18 -13.99 -40.82
O2 SO4 H . -30.85 -12.03 -40.76
O3 SO4 H . -31.52 -13.06 -38.73
O4 SO4 H . -29.90 -14.12 -40.13
O6 BU3 I . -27.35 -7.76 -47.65
C3 BU3 I . -26.84 -8.88 -46.97
C4 BU3 I . -27.67 -10.10 -47.33
C2 BU3 I . -26.89 -8.64 -45.46
O5 BU3 I . -26.49 -7.33 -45.18
C1 BU3 I . -25.97 -9.61 -44.76
HO6 BU3 I . -26.88 -7.60 -48.34
H3 BU3 I . -25.92 -9.02 -47.24
H41 BU3 I . -28.56 -10.02 -46.96
H42 BU3 I . -27.24 -10.90 -46.96
H43 BU3 I . -27.72 -10.19 -48.29
H2 BU3 I . -27.81 -8.77 -45.16
HO5 BU3 I . -26.98 -7.00 -44.58
H11 BU3 I . -25.91 -9.38 -43.81
H12 BU3 I . -26.32 -10.52 -44.85
H13 BU3 I . -25.08 -9.56 -45.15
O6 BU3 J . -44.68 -20.67 -34.49
C3 BU3 J . -43.48 -20.73 -35.22
C4 BU3 J . -43.75 -21.28 -36.62
C2 BU3 J . -42.48 -21.61 -34.48
O5 BU3 J . -41.47 -22.01 -35.35
C1 BU3 J . -43.18 -22.83 -33.90
HO6 BU3 J . -44.95 -19.86 -34.46
H3 BU3 J . -43.11 -19.83 -35.31
H41 BU3 J . -43.98 -22.23 -36.55
H42 BU3 J . -42.96 -21.19 -37.17
H43 BU3 J . -44.49 -20.81 -37.02
H2 BU3 J . -42.09 -21.10 -33.75
HO5 BU3 J . -40.71 -21.90 -34.99
H11 BU3 J . -42.53 -23.47 -33.58
H12 BU3 J . -43.76 -22.55 -33.15
H13 BU3 J . -43.73 -23.24 -34.59
S SO4 K . 41.19 -10.65 1.43
O1 SO4 K . 41.87 -11.92 1.60
O2 SO4 K . 40.05 -10.82 0.54
O3 SO4 K . 42.11 -9.67 0.87
O4 SO4 K . 40.72 -10.18 2.74
S SO4 L . 36.41 -0.92 26.43
O1 SO4 L . 35.47 -1.99 26.14
O2 SO4 L . 36.87 -0.32 25.17
O3 SO4 L . 35.76 0.11 27.24
O4 SO4 L . 37.56 -1.46 27.15
#